data_4AY8
#
_entry.id   4AY8
#
_cell.length_a   125.210
_cell.length_b   125.210
_cell.length_c   38.880
_cell.angle_alpha   90.00
_cell.angle_beta   90.00
_cell.angle_gamma   120.00
#
_symmetry.space_group_name_H-M   'P 32'
#
loop_
_entity.id
_entity.type
_entity.pdbx_description
1 polymer 'METHYLCOBALAMIN\: COENZYME M METHYLTRANSFERASE'
2 non-polymer '1-THIOETHANESULFONIC ACID'
3 non-polymer 'ZINC ION'
4 non-polymer (4R)-2-METHYLPENTANE-2,4-DIOL
5 non-polymer GLYCEROL
6 water water
#
_entity_poly.entity_id   1
_entity_poly.type   'polypeptide(L)'
_entity_poly.pdbx_seq_one_letter_code
;HHHHHH(MSE)TD(MSE)SEFTLKTRLLAALKGEPVDKVPVCSVTQTGIVEL(MSE)DVVGAPWPEAHTNPEL(MSE)AK
LALANHELSGLEAVRLPY(CSD)LTVLVEA(MSE)GCEIN(MSE)GTKNRQPSVTGHPYPKDLEGAAVPADLLQRGRIPV
VLEAIKIIREKVGPDVPIVGG(MSE)EGPVTVASDLVSVKSF(MSE)KWSIKKTDLLEQALDIATEASIIYANA(MSE)V
EAGADVIAIADPVASPDL(MSE)SPDSFRQFLKSRLQKFASSVNSVTVLHICGNVNPILSD(MSE)ADCGFEGLSVEEKI
GSAKKGKEVIGTRARLVGNVSSPFTLLPGPVDKIKAEAKEALEGGIDVLAPGCGIAP(MSE)TPLENVKALVAARDEFYA
;
_entity_poly.pdbx_strand_id   A,B
#
loop_
_chem_comp.id
_chem_comp.type
_chem_comp.name
_chem_comp.formula
COM non-polymer '1-THIOETHANESULFONIC ACID' 'C2 H6 O3 S2'
GOL non-polymer GLYCEROL 'C3 H8 O3'
MRD non-polymer (4R)-2-METHYLPENTANE-2,4-DIOL 'C6 H14 O2'
ZN non-polymer 'ZINC ION' 'Zn 2'
#
# COMPACT_ATOMS: atom_id res chain seq x y z
N ASP A 9 -5.46 12.65 -16.45
CA ASP A 9 -5.08 12.66 -15.01
C ASP A 9 -6.13 12.00 -14.11
N MSE A 10 -7.37 11.85 -14.59
CA MSE A 10 -8.40 11.19 -13.78
C MSE A 10 -8.08 9.70 -13.59
O MSE A 10 -8.68 9.04 -12.75
CB MSE A 10 -9.80 11.33 -14.40
CG MSE A 10 -10.44 12.71 -14.32
SE MSE A 10 -10.80 13.43 -12.51
CE MSE A 10 -9.17 14.51 -12.35
N SER A 11 -7.13 9.18 -14.36
CA SER A 11 -6.81 7.74 -14.26
C SER A 11 -5.55 7.48 -13.45
N GLU A 12 -5.04 8.49 -12.76
CA GLU A 12 -3.76 8.39 -12.09
C GLU A 12 -3.81 8.66 -10.57
N PHE A 13 -5.00 8.63 -9.98
CA PHE A 13 -5.12 8.87 -8.54
C PHE A 13 -4.48 7.75 -7.69
N THR A 14 -3.83 8.15 -6.61
CA THR A 14 -3.44 7.22 -5.55
C THR A 14 -4.48 7.37 -4.42
N LEU A 15 -4.40 6.51 -3.41
CA LEU A 15 -5.29 6.67 -2.28
C LEU A 15 -5.05 8.04 -1.63
N LYS A 16 -3.80 8.48 -1.58
CA LYS A 16 -3.48 9.74 -0.95
C LYS A 16 -4.01 10.93 -1.74
N THR A 17 -3.74 10.96 -3.04
CA THR A 17 -4.13 12.12 -3.84
C THR A 17 -5.64 12.18 -3.98
N ARG A 18 -6.31 11.04 -4.01
CA ARG A 18 -7.76 11.04 -4.08
C ARG A 18 -8.41 11.62 -2.83
N LEU A 19 -7.92 11.24 -1.66
CA LEU A 19 -8.47 11.79 -0.41
C LEU A 19 -8.27 13.29 -0.33
N LEU A 20 -7.05 13.75 -0.60
CA LEU A 20 -6.76 15.16 -0.51
C LEU A 20 -7.61 15.95 -1.52
N ALA A 21 -7.69 15.46 -2.76
CA ALA A 21 -8.48 16.12 -3.78
C ALA A 21 -9.95 16.16 -3.36
N ALA A 22 -10.44 15.04 -2.83
CA ALA A 22 -11.84 14.96 -2.43
C ALA A 22 -12.16 15.95 -1.33
N LEU A 23 -11.32 15.99 -0.30
CA LEU A 23 -11.49 16.93 0.80
C LEU A 23 -11.44 18.38 0.33
N LYS A 24 -10.65 18.67 -0.70
CA LYS A 24 -10.55 20.05 -1.19
C LYS A 24 -11.64 20.39 -2.22
N GLY A 25 -12.44 19.41 -2.62
CA GLY A 25 -13.46 19.63 -3.61
C GLY A 25 -12.91 19.68 -5.03
N GLU A 26 -11.74 19.10 -5.26
CA GLU A 26 -11.21 19.02 -6.60
C GLU A 26 -11.82 17.79 -7.32
N PRO A 27 -11.81 17.79 -8.67
CA PRO A 27 -12.43 16.65 -9.35
C PRO A 27 -11.73 15.33 -9.03
N VAL A 28 -12.49 14.27 -8.87
CA VAL A 28 -11.93 12.95 -8.58
C VAL A 28 -12.59 11.91 -9.46
N ASP A 29 -11.94 10.76 -9.61
CA ASP A 29 -12.52 9.65 -10.36
C ASP A 29 -13.67 8.99 -9.61
N LYS A 30 -13.63 9.04 -8.29
CA LYS A 30 -14.69 8.43 -7.46
C LYS A 30 -14.53 8.88 -6.00
N VAL A 31 -15.61 8.80 -5.22
CA VAL A 31 -15.57 9.13 -3.81
C VAL A 31 -14.70 8.11 -3.06
N PRO A 32 -13.72 8.60 -2.30
CA PRO A 32 -12.93 7.71 -1.46
C PRO A 32 -13.70 7.22 -0.25
N VAL A 33 -13.39 6.02 0.21
CA VAL A 33 -14.03 5.45 1.40
C VAL A 33 -12.98 5.14 2.48
N CYS A 34 -13.13 5.77 3.62
CA CYS A 34 -12.20 5.60 4.72
C CYS A 34 -12.84 6.09 6.01
N SER A 35 -12.08 6.08 7.09
CA SER A 35 -12.57 6.60 8.36
C SER A 35 -11.63 7.68 8.85
N VAL A 36 -12.20 8.82 9.24
CA VAL A 36 -11.41 9.90 9.85
C VAL A 36 -11.56 9.86 11.37
N THR A 37 -12.34 8.90 11.83
CA THR A 37 -12.55 8.66 13.25
C THR A 37 -11.90 7.33 13.63
N GLN A 38 -11.90 7.01 14.92
CA GLN A 38 -11.12 5.88 15.43
C GLN A 38 -11.47 4.58 14.73
N THR A 39 -10.45 3.78 14.42
CA THR A 39 -10.61 2.58 13.62
C THR A 39 -10.21 1.28 14.31
N GLY A 40 -9.96 1.32 15.60
CA GLY A 40 -9.63 0.09 16.35
C GLY A 40 -10.81 -0.83 16.57
N ILE A 41 -10.73 -2.06 16.06
CA ILE A 41 -11.81 -3.03 16.28
C ILE A 41 -11.30 -4.37 16.82
N VAL A 42 -12.08 -4.97 17.72
CA VAL A 42 -11.69 -6.18 18.45
C VAL A 42 -11.26 -7.30 17.50
N GLU A 43 -12.08 -7.57 16.49
CA GLU A 43 -11.78 -8.60 15.55
C GLU A 43 -10.38 -8.44 14.95
N LEU A 44 -9.96 -7.20 14.67
CA LEU A 44 -8.60 -6.98 14.15
C LEU A 44 -7.51 -7.04 15.24
N MSE A 45 -7.83 -6.62 16.46
CA MSE A 45 -6.90 -6.74 17.57
C MSE A 45 -6.45 -8.18 17.69
O MSE A 45 -5.27 -8.45 17.88
CB MSE A 45 -7.54 -6.32 18.91
CG MSE A 45 -8.01 -4.89 18.99
SE MSE A 45 -8.89 -4.51 20.67
CE MSE A 45 -9.83 -2.85 20.18
N ASP A 46 -7.41 -9.08 17.57
CA ASP A 46 -7.17 -10.52 17.71
C ASP A 46 -6.43 -11.05 16.49
N VAL A 47 -6.79 -10.61 15.29
CA VAL A 47 -6.14 -11.12 14.09
C VAL A 47 -4.66 -10.75 14.04
N VAL A 48 -4.31 -9.52 14.37
CA VAL A 48 -2.92 -9.10 14.20
C VAL A 48 -2.13 -8.97 15.51
N GLY A 49 -2.77 -9.25 16.65
CA GLY A 49 -2.08 -9.28 17.93
C GLY A 49 -1.76 -7.92 18.51
N ALA A 50 -2.72 -6.98 18.38
CA ALA A 50 -2.53 -5.63 18.86
C ALA A 50 -3.77 -5.12 19.59
N PRO A 51 -4.00 -5.62 20.81
CA PRO A 51 -5.20 -5.28 21.52
C PRO A 51 -5.05 -4.00 22.33
N TRP A 52 -6.16 -3.30 22.54
CA TRP A 52 -6.25 -2.31 23.59
C TRP A 52 -6.14 -3.12 24.89
N PRO A 53 -5.58 -2.52 25.94
CA PRO A 53 -5.13 -1.14 25.95
C PRO A 53 -3.69 -0.97 25.53
N GLU A 54 -2.98 -2.07 25.28
CA GLU A 54 -1.54 -1.99 24.97
C GLU A 54 -1.29 -1.17 23.70
N ALA A 55 -2.24 -1.20 22.78
CA ALA A 55 -2.09 -0.49 21.51
C ALA A 55 -2.14 1.03 21.67
N HIS A 56 -2.53 1.51 22.86
CA HIS A 56 -2.50 2.95 23.13
C HIS A 56 -1.12 3.42 23.60
N THR A 57 -0.27 2.50 24.05
CA THR A 57 0.99 2.88 24.70
C THR A 57 2.23 2.39 23.95
N ASN A 58 2.07 1.36 23.12
CA ASN A 58 3.16 0.79 22.35
C ASN A 58 3.02 1.22 20.88
N PRO A 59 4.00 1.99 20.37
CA PRO A 59 3.84 2.54 19.03
C PRO A 59 3.77 1.49 17.93
N GLU A 60 4.49 0.39 18.09
CA GLU A 60 4.48 -0.66 17.08
C GLU A 60 3.09 -1.24 17.02
N LEU A 61 2.50 -1.53 18.18
CA LEU A 61 1.18 -2.12 18.23
C LEU A 61 0.11 -1.14 17.76
N MSE A 62 0.25 0.13 18.11
CA MSE A 62 -0.66 1.17 17.62
C MSE A 62 -0.65 1.15 16.10
O MSE A 62 -1.69 1.22 15.47
CB MSE A 62 -0.24 2.55 18.13
CG MSE A 62 -1.15 3.69 17.70
SE MSE A 62 -0.64 5.43 18.42
CE MSE A 62 -1.18 5.16 20.29
N ALA A 63 0.54 1.05 15.52
CA ALA A 63 0.69 1.05 14.08
C ALA A 63 0.00 -0.16 13.48
N LYS A 64 0.27 -1.35 14.04
CA LYS A 64 -0.30 -2.59 13.52
C LYS A 64 -1.82 -2.60 13.50
N LEU A 65 -2.43 -2.17 14.60
CA LEU A 65 -3.89 -2.19 14.70
C LEU A 65 -4.50 -1.22 13.67
N ALA A 66 -3.85 -0.08 13.48
CA ALA A 66 -4.33 0.92 12.52
C ALA A 66 -4.18 0.41 11.10
N LEU A 67 -3.05 -0.22 10.82
CA LEU A 67 -2.77 -0.80 9.49
C LEU A 67 -3.78 -1.89 9.15
N ALA A 68 -4.15 -2.69 10.14
CA ALA A 68 -5.06 -3.81 9.92
C ALA A 68 -6.40 -3.33 9.36
N ASN A 69 -6.89 -2.16 9.81
CA ASN A 69 -8.19 -1.70 9.32
C ASN A 69 -8.02 -0.82 8.09
N HIS A 70 -6.92 -1.08 7.37
CA HIS A 70 -6.73 -0.61 6.01
C HIS A 70 -6.45 -1.84 5.12
N GLU A 71 -5.42 -2.60 5.48
CA GLU A 71 -5.02 -3.76 4.68
C GLU A 71 -6.09 -4.85 4.63
N LEU A 72 -6.80 -5.06 5.73
CA LEU A 72 -7.72 -6.19 5.83
C LEU A 72 -9.18 -5.78 5.58
N SER A 73 -9.45 -4.49 5.61
CA SER A 73 -10.81 -3.99 5.46
C SER A 73 -11.06 -3.30 4.15
N GLY A 74 -10.02 -2.69 3.59
CA GLY A 74 -10.14 -1.89 2.37
C GLY A 74 -10.43 -0.40 2.57
N LEU A 75 -10.53 0.04 3.81
CA LEU A 75 -10.65 1.48 4.05
C LEU A 75 -9.40 2.13 3.44
N GLU A 76 -9.56 3.29 2.83
CA GLU A 76 -8.51 3.85 1.97
C GLU A 76 -7.65 4.90 2.66
N ALA A 77 -7.42 4.70 3.95
CA ALA A 77 -6.54 5.51 4.77
C ALA A 77 -6.13 4.70 6.00
N VAL A 78 -5.16 5.23 6.75
CA VAL A 78 -4.89 4.72 8.08
C VAL A 78 -5.10 5.87 9.05
N ARG A 79 -5.72 5.57 10.19
CA ARG A 79 -6.09 6.56 11.18
C ARG A 79 -5.60 6.12 12.57
N LEU A 80 -4.97 7.05 13.28
CA LEU A 80 -4.51 6.85 14.65
C LEU A 80 -4.55 8.16 15.44
N PRO A 81 -4.56 8.09 16.79
CA PRO A 81 -4.65 6.92 17.64
C PRO A 81 -6.12 6.45 17.82
N TYR A 82 -6.50 6.05 19.04
CA TYR A 82 -7.80 5.37 19.27
C TYR A 82 -8.70 6.06 20.31
N CSD A 83 -8.38 7.30 20.68
CA CSD A 83 -9.02 7.92 21.82
CB CSD A 83 -8.28 7.41 23.06
SG CSD A 83 -6.74 8.07 23.11
C CSD A 83 -8.93 9.42 21.73
O CSD A 83 -8.24 9.96 20.88
OD1 CSD A 83 -6.63 8.96 24.21
OD2 CSD A 83 -5.77 7.03 23.29
N LEU A 84 -9.63 10.12 22.64
CA LEU A 84 -9.60 11.58 22.71
C LEU A 84 -8.89 12.10 23.96
N THR A 85 -7.79 11.45 24.35
CA THR A 85 -7.15 11.77 25.63
C THR A 85 -5.65 12.01 25.61
N VAL A 86 -4.99 11.82 24.46
CA VAL A 86 -3.53 11.95 24.43
C VAL A 86 -3.06 13.36 24.83
N LEU A 87 -3.64 14.38 24.22
CA LEU A 87 -3.23 15.75 24.47
C LEU A 87 -3.67 16.25 25.85
N VAL A 88 -4.91 15.97 26.21
CA VAL A 88 -5.41 16.40 27.49
C VAL A 88 -4.63 15.73 28.64
N GLU A 89 -4.26 14.47 28.48
CA GLU A 89 -3.42 13.82 29.47
C GLU A 89 -2.08 14.56 29.56
N ALA A 90 -1.49 14.90 28.43
CA ALA A 90 -0.22 15.61 28.44
C ALA A 90 -0.34 16.97 29.13
N MSE A 91 -1.56 17.54 29.14
CA MSE A 91 -1.81 18.85 29.73
C MSE A 91 -2.28 18.75 31.18
O MSE A 91 -2.63 19.76 31.79
CB MSE A 91 -2.87 19.62 28.91
CG MSE A 91 -2.39 20.20 27.59
SE MSE A 91 -1.10 21.63 27.88
CE MSE A 91 -2.40 23.06 28.29
N GLY A 92 -2.33 17.54 31.72
CA GLY A 92 -2.58 17.36 33.15
C GLY A 92 -3.82 16.59 33.54
N CYS A 93 -4.59 16.10 32.57
CA CYS A 93 -5.77 15.31 32.89
C CYS A 93 -5.39 13.89 33.27
N GLU A 94 -6.07 13.39 34.29
CA GLU A 94 -5.96 12.01 34.70
C GLU A 94 -6.88 11.16 33.85
N ILE A 95 -6.36 10.02 33.40
CA ILE A 95 -7.04 9.18 32.41
C ILE A 95 -7.25 7.77 32.93
N ASN A 96 -8.43 7.21 32.66
CA ASN A 96 -8.64 5.78 32.79
C ASN A 96 -8.44 5.13 31.42
N MSE A 97 -7.51 4.20 31.32
CA MSE A 97 -7.06 3.69 30.04
C MSE A 97 -8.00 2.66 29.40
O MSE A 97 -7.77 2.17 28.30
CB MSE A 97 -5.64 3.14 30.17
CG MSE A 97 -4.59 4.26 30.36
SE MSE A 97 -4.59 5.58 28.87
CE MSE A 97 -3.93 4.38 27.49
N GLY A 98 -9.10 2.35 30.08
CA GLY A 98 -10.16 1.57 29.50
C GLY A 98 -9.84 0.09 29.46
N THR A 99 -10.40 -0.61 28.48
CA THR A 99 -10.23 -2.05 28.39
C THR A 99 -10.12 -2.46 26.92
N LYS A 100 -10.15 -3.77 26.68
CA LYS A 100 -10.01 -4.29 25.34
C LYS A 100 -11.06 -3.72 24.38
N ASN A 101 -12.26 -3.43 24.87
CA ASN A 101 -13.31 -2.85 24.01
C ASN A 101 -13.90 -1.53 24.52
N ARG A 102 -13.25 -0.89 25.49
CA ARG A 102 -13.70 0.41 25.98
C ARG A 102 -12.56 1.43 25.90
N GLN A 103 -12.83 2.57 25.24
CA GLN A 103 -11.83 3.60 25.02
C GLN A 103 -11.41 4.25 26.32
N PRO A 104 -10.16 4.70 26.37
CA PRO A 104 -9.73 5.58 27.44
C PRO A 104 -10.66 6.78 27.57
N SER A 105 -10.84 7.25 28.79
CA SER A 105 -11.63 8.45 29.08
C SER A 105 -10.97 9.26 30.19
N VAL A 106 -11.34 10.52 30.27
CA VAL A 106 -10.81 11.45 31.26
C VAL A 106 -11.55 11.26 32.56
N THR A 107 -10.82 11.13 33.67
CA THR A 107 -11.43 10.99 34.99
C THR A 107 -11.06 12.14 35.93
N GLY A 108 -10.04 12.90 35.59
CA GLY A 108 -9.57 13.97 36.45
C GLY A 108 -9.37 15.24 35.68
N HIS A 109 -9.84 16.35 36.23
CA HIS A 109 -9.72 17.66 35.60
C HIS A 109 -8.86 18.59 36.47
N PRO A 110 -7.73 19.06 35.92
CA PRO A 110 -6.78 19.81 36.74
C PRO A 110 -7.16 21.24 37.11
N TYR A 111 -8.10 21.85 36.40
CA TYR A 111 -8.37 23.29 36.58
C TYR A 111 -9.86 23.60 36.72
N PRO A 112 -10.52 22.96 37.70
CA PRO A 112 -11.96 23.12 37.79
C PRO A 112 -12.41 24.47 38.31
N LYS A 113 -11.52 25.23 38.95
CA LYS A 113 -11.90 26.50 39.60
C LYS A 113 -11.28 27.74 38.96
N ASP A 114 -10.06 27.62 38.50
CA ASP A 114 -9.31 28.76 37.98
C ASP A 114 -8.18 28.22 37.12
N LEU A 115 -7.50 29.11 36.41
CA LEU A 115 -6.49 28.72 35.46
C LEU A 115 -5.06 28.96 35.97
N GLU A 116 -4.92 29.25 37.25
CA GLU A 116 -3.60 29.44 37.85
C GLU A 116 -2.74 28.23 37.53
N GLY A 117 -1.69 28.46 36.73
CA GLY A 117 -0.70 27.44 36.42
C GLY A 117 -0.91 26.74 35.09
N ALA A 118 -1.97 27.11 34.37
CA ALA A 118 -2.39 26.39 33.16
C ALA A 118 -1.57 26.60 31.87
N ALA A 119 -0.57 27.47 31.86
CA ALA A 119 0.17 27.74 30.63
C ALA A 119 0.61 26.48 29.85
N VAL A 120 0.72 26.59 28.53
CA VAL A 120 1.23 25.47 27.74
C VAL A 120 2.71 25.30 28.00
N PRO A 121 3.14 24.10 28.45
CA PRO A 121 4.54 23.82 28.78
C PRO A 121 5.46 23.71 27.56
N ALA A 122 6.70 24.18 27.73
CA ALA A 122 7.66 24.15 26.64
C ALA A 122 7.99 22.72 26.22
N ASP A 123 7.89 21.76 27.13
CA ASP A 123 8.15 20.36 26.80
C ASP A 123 6.88 19.55 26.47
N LEU A 124 5.83 20.21 25.97
CA LEU A 124 4.55 19.54 25.71
C LEU A 124 4.74 18.26 24.90
N LEU A 125 5.50 18.35 23.82
CA LEU A 125 5.63 17.22 22.90
C LEU A 125 6.34 16.01 23.48
N GLN A 126 7.03 16.16 24.61
CA GLN A 126 7.63 15.02 25.29
C GLN A 126 6.70 14.38 26.33
N ARG A 127 5.54 14.98 26.60
CA ARG A 127 4.67 14.51 27.68
C ARG A 127 3.72 13.37 27.29
N GLY A 128 3.40 12.56 28.28
CA GLY A 128 2.41 11.50 28.14
C GLY A 128 2.69 10.65 26.92
N ARG A 129 1.64 10.35 26.16
CA ARG A 129 1.79 9.47 25.02
C ARG A 129 1.97 10.21 23.69
N ILE A 130 2.24 11.51 23.76
CA ILE A 130 2.51 12.25 22.53
C ILE A 130 3.68 11.61 21.74
N PRO A 131 4.78 11.25 22.43
CA PRO A 131 5.88 10.59 21.67
C PRO A 131 5.49 9.27 21.02
N VAL A 132 4.58 8.53 21.67
CA VAL A 132 4.05 7.28 21.12
C VAL A 132 3.30 7.50 19.80
N VAL A 133 2.39 8.47 19.81
CA VAL A 133 1.63 8.81 18.61
C VAL A 133 2.56 9.26 17.47
N LEU A 134 3.51 10.13 17.79
CA LEU A 134 4.42 10.65 16.78
C LEU A 134 5.27 9.52 16.16
N GLU A 135 5.79 8.65 17.01
CA GLU A 135 6.52 7.49 16.54
C GLU A 135 5.62 6.53 15.74
N ALA A 136 4.38 6.32 16.18
CA ALA A 136 3.49 5.43 15.45
C ALA A 136 3.19 5.94 14.03
N ILE A 137 3.09 7.25 13.85
CA ILE A 137 2.90 7.83 12.51
C ILE A 137 4.09 7.45 11.60
N LYS A 138 5.31 7.58 12.14
CA LYS A 138 6.50 7.24 11.37
C LYS A 138 6.53 5.76 11.03
N ILE A 139 6.15 4.93 11.99
CA ILE A 139 6.11 3.49 11.77
C ILE A 139 5.05 3.14 10.72
N ILE A 140 3.86 3.72 10.84
CA ILE A 140 2.81 3.49 9.84
C ILE A 140 3.25 3.89 8.44
N ARG A 141 3.92 5.03 8.32
CA ARG A 141 4.40 5.48 7.01
C ARG A 141 5.33 4.44 6.37
N GLU A 142 6.22 3.89 7.18
CA GLU A 142 7.08 2.80 6.75
C GLU A 142 6.25 1.67 6.19
N LYS A 143 5.16 1.34 6.86
CA LYS A 143 4.37 0.16 6.51
C LYS A 143 3.42 0.33 5.30
N VAL A 144 3.02 1.55 4.96
CA VAL A 144 2.09 1.76 3.86
C VAL A 144 2.65 2.54 2.68
N GLY A 145 3.77 3.22 2.89
CA GLY A 145 4.36 4.06 1.86
C GLY A 145 3.71 5.43 1.73
N PRO A 146 4.20 6.23 0.77
CA PRO A 146 3.79 7.61 0.61
C PRO A 146 2.43 7.82 -0.08
N ASP A 147 1.89 6.79 -0.72
CA ASP A 147 0.70 6.96 -1.55
C ASP A 147 -0.61 6.48 -0.88
N VAL A 148 -0.54 6.22 0.41
CA VAL A 148 -1.70 5.89 1.22
C VAL A 148 -1.76 6.96 2.31
N PRO A 149 -2.94 7.58 2.54
CA PRO A 149 -2.95 8.74 3.44
C PRO A 149 -3.00 8.34 4.91
N ILE A 150 -2.32 9.11 5.74
CA ILE A 150 -2.37 8.91 7.18
C ILE A 150 -3.17 10.06 7.79
N VAL A 151 -4.21 9.70 8.52
CA VAL A 151 -5.07 10.67 9.19
C VAL A 151 -4.74 10.68 10.66
N GLY A 152 -4.23 11.81 11.14
CA GLY A 152 -3.94 11.96 12.56
C GLY A 152 -5.15 12.56 13.25
N GLY A 153 -5.65 11.83 14.24
CA GLY A 153 -6.82 12.19 15.00
C GLY A 153 -6.50 12.70 16.40
N MSE A 154 -7.33 13.63 16.88
CA MSE A 154 -7.14 14.23 18.19
C MSE A 154 -8.38 14.97 18.66
O MSE A 154 -9.19 15.43 17.87
CB MSE A 154 -5.98 15.23 18.16
CG MSE A 154 -6.19 16.35 17.18
SE MSE A 154 -4.75 17.68 17.20
CE MSE A 154 -5.15 18.57 18.84
N GLU A 155 -8.49 15.08 19.98
CA GLU A 155 -9.54 15.88 20.57
C GLU A 155 -9.33 17.34 20.13
N GLY A 156 -10.41 18.03 19.81
CA GLY A 156 -10.32 19.42 19.37
C GLY A 156 -10.21 20.40 20.53
N PRO A 157 -9.94 21.68 20.23
CA PRO A 157 -9.74 22.70 21.26
C PRO A 157 -10.91 22.90 22.24
N VAL A 158 -12.15 22.69 21.81
CA VAL A 158 -13.27 22.89 22.72
C VAL A 158 -13.27 21.78 23.77
N THR A 159 -13.08 20.56 23.29
CA THR A 159 -13.04 19.41 24.14
C THR A 159 -11.81 19.44 25.06
N VAL A 160 -10.68 19.94 24.57
CA VAL A 160 -9.48 20.10 25.39
C VAL A 160 -9.75 21.09 26.55
N ALA A 161 -10.30 22.26 26.25
CA ALA A 161 -10.65 23.22 27.28
C ALA A 161 -11.55 22.60 28.34
N SER A 162 -12.63 21.97 27.88
CA SER A 162 -13.60 21.35 28.75
C SER A 162 -13.00 20.22 29.61
N ASP A 163 -12.09 19.45 29.02
CA ASP A 163 -11.42 18.40 29.77
C ASP A 163 -10.51 19.01 30.86
N LEU A 164 -9.87 20.13 30.54
CA LEU A 164 -9.00 20.80 31.49
C LEU A 164 -9.75 21.36 32.70
N VAL A 165 -10.96 21.89 32.48
CA VAL A 165 -11.71 22.59 33.54
C VAL A 165 -12.92 21.81 34.07
N SER A 166 -13.20 20.65 33.47
CA SER A 166 -14.42 19.86 33.69
C SER A 166 -15.57 20.45 32.89
N VAL A 167 -16.45 19.60 32.35
CA VAL A 167 -17.51 20.09 31.48
C VAL A 167 -18.52 20.92 32.28
N LYS A 168 -18.69 20.61 33.57
CA LYS A 168 -19.56 21.41 34.43
C LYS A 168 -19.06 22.86 34.54
N SER A 169 -17.77 23.04 34.80
CA SER A 169 -17.22 24.40 34.88
C SER A 169 -17.29 25.07 33.52
N PHE A 170 -16.96 24.32 32.47
CA PHE A 170 -16.93 24.87 31.12
C PHE A 170 -18.31 25.46 30.80
N MSE A 171 -19.36 24.69 31.07
CA MSE A 171 -20.71 25.12 30.79
C MSE A 171 -21.12 26.30 31.66
O MSE A 171 -21.69 27.29 31.18
CB MSE A 171 -21.67 23.94 30.93
CG MSE A 171 -21.72 23.09 29.67
SE MSE A 171 -22.78 21.46 29.93
CE MSE A 171 -23.65 21.37 28.18
N LYS A 172 -20.80 26.21 32.95
CA LYS A 172 -21.06 27.30 33.88
C LYS A 172 -20.35 28.58 33.44
N TRP A 173 -19.06 28.49 33.13
CA TRP A 173 -18.32 29.70 32.75
C TRP A 173 -18.82 30.31 31.46
N SER A 174 -19.37 29.50 30.56
CA SER A 174 -19.89 30.01 29.30
C SER A 174 -20.98 31.06 29.52
N ILE A 175 -21.65 31.00 30.67
CA ILE A 175 -22.69 31.96 31.01
C ILE A 175 -22.18 32.99 32.02
N LYS A 176 -21.43 32.54 33.02
CA LYS A 176 -21.15 33.38 34.20
C LYS A 176 -19.72 33.88 34.32
N LYS A 177 -18.77 33.27 33.60
CA LYS A 177 -17.38 33.71 33.67
C LYS A 177 -16.69 33.59 32.31
N THR A 178 -17.14 34.41 31.36
CA THR A 178 -16.78 34.23 29.96
C THR A 178 -15.31 34.52 29.67
N ASP A 179 -14.68 35.32 30.53
CA ASP A 179 -13.27 35.62 30.38
C ASP A 179 -12.41 34.39 30.68
N LEU A 180 -12.78 33.66 31.73
CA LEU A 180 -12.15 32.38 32.05
C LEU A 180 -12.41 31.32 30.98
N LEU A 181 -13.63 31.29 30.45
CA LEU A 181 -13.92 30.38 29.35
C LEU A 181 -12.96 30.66 28.20
N GLU A 182 -12.82 31.94 27.87
CA GLU A 182 -12.00 32.33 26.75
C GLU A 182 -10.53 32.01 27.00
N GLN A 183 -10.05 32.28 28.20
CA GLN A 183 -8.66 31.97 28.54
C GLN A 183 -8.40 30.47 28.43
N ALA A 184 -9.32 29.66 28.94
CA ALA A 184 -9.19 28.21 28.82
C ALA A 184 -9.18 27.81 27.34
N LEU A 185 -10.08 28.38 26.56
CA LEU A 185 -10.14 28.07 25.14
C LEU A 185 -8.83 28.46 24.42
N ASP A 186 -8.20 29.58 24.80
CA ASP A 186 -6.99 30.02 24.12
C ASP A 186 -5.78 29.10 24.42
N ILE A 187 -5.67 28.68 25.68
CA ILE A 187 -4.65 27.74 26.08
C ILE A 187 -4.84 26.41 25.35
N ALA A 188 -6.09 25.94 25.32
CA ALA A 188 -6.42 24.68 24.63
C ALA A 188 -6.08 24.74 23.14
N THR A 189 -6.35 25.87 22.52
CA THR A 189 -6.11 26.03 21.09
C THR A 189 -4.61 26.04 20.79
N GLU A 190 -3.86 26.76 21.62
CA GLU A 190 -2.40 26.84 21.45
C GLU A 190 -1.78 25.45 21.55
N ALA A 191 -2.14 24.69 22.58
CA ALA A 191 -1.66 23.33 22.72
C ALA A 191 -2.09 22.44 21.56
N SER A 192 -3.34 22.60 21.09
CA SER A 192 -3.85 21.77 20.00
C SER A 192 -3.05 22.00 18.71
N ILE A 193 -2.76 23.26 18.41
CA ILE A 193 -1.98 23.60 17.22
C ILE A 193 -0.57 23.00 17.29
N ILE A 194 0.07 23.10 18.45
CA ILE A 194 1.42 22.59 18.61
C ILE A 194 1.43 21.08 18.35
N TYR A 195 0.47 20.36 18.91
CA TYR A 195 0.37 18.93 18.73
C TYR A 195 0.07 18.56 17.28
N ALA A 196 -0.91 19.24 16.68
CA ALA A 196 -1.28 18.99 15.29
C ALA A 196 -0.11 19.21 14.32
N ASN A 197 0.65 20.28 14.49
CA ASN A 197 1.77 20.51 13.59
C ASN A 197 2.88 19.47 13.80
N ALA A 198 3.05 19.01 15.05
CA ALA A 198 3.99 17.93 15.35
C ALA A 198 3.63 16.67 14.56
N MSE A 199 2.34 16.37 14.46
CA MSE A 199 1.89 15.20 13.70
C MSE A 199 2.13 15.37 12.19
O MSE A 199 2.43 14.39 11.48
CB MSE A 199 0.42 14.89 13.99
CG MSE A 199 0.17 14.20 15.31
SE MSE A 199 -1.71 13.55 15.50
CE MSE A 199 -2.53 15.12 14.90
N VAL A 200 2.02 16.61 11.71
CA VAL A 200 2.35 16.91 10.33
C VAL A 200 3.84 16.69 10.08
N GLU A 201 4.68 17.23 10.95
CA GLU A 201 6.12 16.97 10.87
C GLU A 201 6.45 15.47 10.84
N ALA A 202 5.70 14.67 11.59
CA ALA A 202 5.92 13.23 11.67
C ALA A 202 5.42 12.45 10.43
N GLY A 203 4.51 13.04 9.67
CA GLY A 203 4.06 12.39 8.43
C GLY A 203 2.57 12.33 8.17
N ALA A 204 1.76 12.90 9.05
CA ALA A 204 0.30 12.91 8.82
C ALA A 204 -0.08 13.75 7.59
N ASP A 205 -0.98 13.19 6.77
CA ASP A 205 -1.46 13.89 5.57
C ASP A 205 -2.69 14.73 5.85
N VAL A 206 -3.46 14.32 6.85
CA VAL A 206 -4.68 15.02 7.25
C VAL A 206 -4.72 15.03 8.77
N ILE A 207 -5.12 16.16 9.35
CA ILE A 207 -5.38 16.21 10.77
C ILE A 207 -6.90 16.29 10.96
N ALA A 208 -7.46 15.27 11.61
CA ALA A 208 -8.89 15.20 11.83
C ALA A 208 -9.21 15.34 13.31
N ILE A 209 -9.72 16.51 13.69
CA ILE A 209 -10.04 16.74 15.09
C ILE A 209 -11.48 16.35 15.36
N ALA A 210 -11.69 15.79 16.54
CA ALA A 210 -13.00 15.41 17.03
C ALA A 210 -13.32 16.30 18.23
N ASP A 211 -14.37 17.10 18.09
CA ASP A 211 -14.70 18.05 19.12
C ASP A 211 -16.15 17.89 19.59
N PRO A 212 -16.45 16.77 20.28
CA PRO A 212 -17.84 16.48 20.67
C PRO A 212 -18.47 17.54 21.56
N VAL A 213 -17.65 18.22 22.35
CA VAL A 213 -18.18 19.19 23.30
C VAL A 213 -18.70 20.44 22.59
N ALA A 214 -18.26 20.65 21.34
CA ALA A 214 -18.75 21.75 20.53
C ALA A 214 -20.13 21.45 19.92
N SER A 215 -20.64 20.25 20.14
CA SER A 215 -21.93 19.85 19.60
C SER A 215 -23.09 20.62 20.25
N PRO A 216 -24.12 20.93 19.45
CA PRO A 216 -25.34 21.52 19.99
C PRO A 216 -26.04 20.67 21.05
N ASP A 217 -25.73 19.39 21.10
CA ASP A 217 -26.18 18.56 22.20
C ASP A 217 -25.64 19.07 23.54
N LEU A 218 -24.51 19.76 23.52
CA LEU A 218 -23.84 20.17 24.77
C LEU A 218 -23.68 21.68 24.93
N MSE A 219 -23.40 22.38 23.83
CA MSE A 219 -23.25 23.83 23.85
C MSE A 219 -24.22 24.46 22.84
O MSE A 219 -24.40 23.95 21.74
CB MSE A 219 -21.82 24.23 23.47
CG MSE A 219 -20.75 23.80 24.45
SE MSE A 219 -20.87 24.85 26.12
CE MSE A 219 -20.21 26.56 25.38
N SER A 220 -24.85 25.56 23.21
CA SER A 220 -25.83 26.18 22.32
C SER A 220 -25.15 26.68 21.03
N PRO A 221 -25.89 26.65 19.91
CA PRO A 221 -25.38 27.22 18.67
C PRO A 221 -24.92 28.67 18.81
N ASP A 222 -25.63 29.45 19.64
CA ASP A 222 -25.22 30.83 19.86
C ASP A 222 -23.86 30.90 20.56
N SER A 223 -23.60 30.00 21.51
CA SER A 223 -22.28 30.01 22.18
C SER A 223 -21.18 29.45 21.26
N PHE A 224 -21.54 28.56 20.34
CA PHE A 224 -20.59 28.14 19.31
C PHE A 224 -20.09 29.38 18.56
N ARG A 225 -21.01 30.18 18.05
CA ARG A 225 -20.67 31.37 17.29
C ARG A 225 -19.91 32.37 18.14
N GLN A 226 -20.40 32.64 19.34
CA GLN A 226 -19.79 33.66 20.17
C GLN A 226 -18.37 33.31 20.64
N PHE A 227 -18.12 32.06 21.01
CA PHE A 227 -16.88 31.70 21.69
C PHE A 227 -16.04 30.64 20.99
N LEU A 228 -16.70 29.69 20.35
CA LEU A 228 -15.99 28.51 19.91
C LEU A 228 -15.42 28.64 18.50
N LYS A 229 -16.20 29.23 17.60
CA LYS A 229 -15.87 29.35 16.19
C LYS A 229 -14.48 29.96 15.96
N SER A 230 -14.18 31.04 16.65
CA SER A 230 -12.94 31.79 16.42
C SER A 230 -11.70 30.95 16.76
N ARG A 231 -11.81 30.09 17.77
CA ARG A 231 -10.71 29.19 18.13
C ARG A 231 -10.56 28.04 17.13
N LEU A 232 -11.67 27.51 16.63
CA LEU A 232 -11.62 26.50 15.61
C LEU A 232 -11.03 27.07 14.32
N GLN A 233 -11.39 28.31 13.98
CA GLN A 233 -10.77 29.02 12.87
C GLN A 233 -9.27 29.27 13.07
N LYS A 234 -8.88 29.63 14.28
CA LYS A 234 -7.46 29.81 14.57
C LYS A 234 -6.71 28.47 14.42
N PHE A 235 -7.33 27.39 14.85
CA PHE A 235 -6.73 26.09 14.71
C PHE A 235 -6.49 25.74 13.23
N ALA A 236 -7.56 25.71 12.45
CA ALA A 236 -7.48 25.34 11.04
C ALA A 236 -6.44 26.15 10.28
N SER A 237 -6.40 27.46 10.49
CA SER A 237 -5.50 28.31 9.72
C SER A 237 -4.06 28.26 10.23
N SER A 238 -3.83 27.74 11.43
CA SER A 238 -2.47 27.66 11.97
C SER A 238 -1.82 26.28 11.77
N VAL A 239 -2.63 25.30 11.39
CA VAL A 239 -2.14 23.92 11.18
C VAL A 239 -1.84 23.74 9.69
N ASN A 240 -0.61 23.33 9.43
CA ASN A 240 -0.02 23.26 8.10
C ASN A 240 -0.35 21.97 7.37
N SER A 241 -1.65 21.73 7.24
CA SER A 241 -2.15 20.52 6.66
C SER A 241 -3.59 20.76 6.21
N VAL A 242 -4.06 19.93 5.29
CA VAL A 242 -5.48 19.71 5.11
C VAL A 242 -6.04 19.19 6.45
N THR A 243 -7.18 19.73 6.86
CA THR A 243 -7.78 19.33 8.14
C THR A 243 -9.25 18.94 7.97
N VAL A 244 -9.73 18.15 8.93
CA VAL A 244 -11.14 17.79 9.02
C VAL A 244 -11.66 18.07 10.44
N LEU A 245 -12.87 18.61 10.50
CA LEU A 245 -13.56 18.90 11.75
C LEU A 245 -14.73 17.97 11.93
N HIS A 246 -14.62 17.09 12.93
CA HIS A 246 -15.68 16.16 13.29
C HIS A 246 -16.44 16.66 14.52
N ILE A 247 -17.75 16.80 14.41
CA ILE A 247 -18.58 17.11 15.58
C ILE A 247 -19.83 16.26 15.48
N CYS A 248 -20.04 15.43 16.49
CA CYS A 248 -21.16 14.51 16.46
C CYS A 248 -22.44 15.16 16.98
N GLY A 249 -23.54 14.42 16.94
CA GLY A 249 -24.85 14.93 17.32
C GLY A 249 -25.54 15.66 16.18
N ASN A 250 -26.68 16.30 16.47
CA ASN A 250 -27.37 17.05 15.40
C ASN A 250 -26.77 18.44 15.30
N VAL A 251 -25.89 18.58 14.33
CA VAL A 251 -25.11 19.79 14.16
C VAL A 251 -25.75 20.72 13.15
N ASN A 252 -26.94 20.38 12.67
CA ASN A 252 -27.56 21.18 11.60
C ASN A 252 -27.55 22.69 11.87
N PRO A 253 -27.87 23.11 13.10
CA PRO A 253 -27.88 24.53 13.43
C PRO A 253 -26.52 25.24 13.38
N ILE A 254 -25.44 24.47 13.43
CA ILE A 254 -24.10 25.06 13.37
C ILE A 254 -23.32 24.62 12.13
N LEU A 255 -23.94 23.82 11.27
CA LEU A 255 -23.25 23.25 10.12
C LEU A 255 -22.67 24.35 9.23
N SER A 256 -23.43 25.41 8.97
CA SER A 256 -22.89 26.49 8.17
C SER A 256 -21.69 27.13 8.86
N ASP A 257 -21.76 27.24 10.19
CA ASP A 257 -20.67 27.85 10.94
C ASP A 257 -19.44 26.96 10.86
N MSE A 258 -19.66 25.66 10.96
CA MSE A 258 -18.59 24.70 10.80
C MSE A 258 -17.89 24.90 9.46
O MSE A 258 -16.66 24.82 9.37
CB MSE A 258 -19.10 23.26 10.93
CG MSE A 258 -19.50 22.90 12.34
SE MSE A 258 -20.44 21.23 12.47
CE MSE A 258 -19.00 20.01 11.94
N ALA A 259 -18.68 25.18 8.44
CA ALA A 259 -18.18 25.38 7.09
C ALA A 259 -17.36 26.66 6.93
N ASP A 260 -17.49 27.60 7.87
CA ASP A 260 -16.68 28.81 7.92
C ASP A 260 -15.34 28.66 8.68
N CYS A 261 -15.08 27.50 9.27
CA CYS A 261 -13.98 27.38 10.20
C CYS A 261 -12.60 27.11 9.61
N GLY A 262 -12.51 26.91 8.30
CA GLY A 262 -11.21 26.73 7.65
C GLY A 262 -10.75 25.28 7.53
N PHE A 263 -11.55 24.33 7.98
CA PHE A 263 -11.29 22.93 7.71
C PHE A 263 -11.82 22.57 6.30
N GLU A 264 -11.02 21.82 5.55
CA GLU A 264 -11.41 21.39 4.21
C GLU A 264 -12.70 20.55 4.25
N GLY A 265 -12.74 19.62 5.22
CA GLY A 265 -13.85 18.68 5.37
C GLY A 265 -14.54 18.76 6.73
N LEU A 266 -15.85 18.52 6.72
CA LEU A 266 -16.67 18.43 7.91
C LEU A 266 -17.14 16.99 8.08
N SER A 267 -16.79 16.37 9.19
CA SER A 267 -17.21 14.99 9.45
C SER A 267 -18.42 15.02 10.36
N VAL A 268 -19.52 14.42 9.90
CA VAL A 268 -20.79 14.46 10.63
C VAL A 268 -21.42 13.08 10.74
N GLU A 269 -22.35 12.95 11.66
CA GLU A 269 -23.10 11.73 11.86
C GLU A 269 -24.37 11.73 11.01
N GLU A 270 -25.13 10.65 11.17
CA GLU A 270 -26.41 10.46 10.49
C GLU A 270 -27.48 11.40 11.03
N LYS A 271 -27.21 12.00 12.18
CA LYS A 271 -28.16 12.84 12.86
C LYS A 271 -28.41 14.17 12.15
N ILE A 272 -27.61 14.49 11.13
CA ILE A 272 -27.93 15.66 10.31
C ILE A 272 -29.05 15.33 9.31
N GLY A 273 -29.41 14.05 9.22
CA GLY A 273 -30.25 13.57 8.12
C GLY A 273 -29.38 13.15 6.95
N SER A 274 -29.93 13.20 5.75
CA SER A 274 -29.21 12.75 4.57
C SER A 274 -28.06 13.71 4.25
N ALA A 275 -27.00 13.18 3.68
CA ALA A 275 -25.90 13.99 3.22
C ALA A 275 -26.37 15.19 2.38
N LYS A 276 -27.35 14.99 1.50
CA LYS A 276 -27.82 16.09 0.66
C LYS A 276 -28.29 17.28 1.50
N LYS A 277 -28.94 17.00 2.62
CA LYS A 277 -29.48 18.07 3.45
C LYS A 277 -28.35 18.94 4.00
N GLY A 278 -27.21 18.31 4.24
CA GLY A 278 -26.04 19.01 4.72
C GLY A 278 -25.38 19.80 3.60
N LYS A 279 -25.18 19.16 2.45
CA LYS A 279 -24.59 19.83 1.30
C LYS A 279 -25.33 21.13 0.95
N GLU A 280 -26.66 21.12 1.10
CA GLU A 280 -27.53 22.23 0.69
C GLU A 280 -27.39 23.51 1.51
N VAL A 281 -26.73 23.43 2.65
CA VAL A 281 -26.53 24.61 3.48
C VAL A 281 -25.06 25.00 3.65
N ILE A 282 -24.13 24.19 3.13
CA ILE A 282 -22.70 24.52 3.18
C ILE A 282 -22.10 24.96 1.83
N GLY A 283 -22.82 24.75 0.74
CA GLY A 283 -22.38 25.23 -0.56
C GLY A 283 -20.99 24.74 -0.90
N THR A 284 -20.11 25.65 -1.32
CA THR A 284 -18.76 25.25 -1.67
C THR A 284 -17.75 25.67 -0.61
N ARG A 285 -18.23 26.04 0.57
CA ARG A 285 -17.31 26.51 1.62
C ARG A 285 -16.52 25.38 2.29
N ALA A 286 -17.07 24.17 2.27
CA ALA A 286 -16.40 23.00 2.84
C ALA A 286 -17.03 21.73 2.30
N ARG A 287 -16.27 20.64 2.30
CA ARG A 287 -16.74 19.33 1.83
C ARG A 287 -17.27 18.52 2.99
N LEU A 288 -18.10 17.52 2.68
CA LEU A 288 -18.81 16.76 3.71
C LEU A 288 -18.28 15.32 3.79
N VAL A 289 -18.07 14.86 5.02
CA VAL A 289 -17.51 13.53 5.30
C VAL A 289 -18.47 12.76 6.21
N GLY A 290 -18.77 11.50 5.85
CA GLY A 290 -19.68 10.67 6.62
C GLY A 290 -20.54 9.80 5.74
N ASN A 291 -21.75 9.44 6.19
CA ASN A 291 -22.25 9.73 7.54
C ASN A 291 -23.06 8.54 8.08
N VAL A 292 -22.53 7.35 7.84
CA VAL A 292 -23.22 6.11 8.17
C VAL A 292 -23.06 5.82 9.66
N SER A 293 -24.19 5.66 10.34
CA SER A 293 -24.24 5.53 11.79
C SER A 293 -23.30 4.49 12.33
N SER A 294 -22.40 4.88 13.20
CA SER A 294 -21.51 3.91 13.81
C SER A 294 -22.23 2.94 14.78
N PRO A 295 -23.00 3.46 15.74
CA PRO A 295 -23.62 2.55 16.71
C PRO A 295 -24.85 1.80 16.22
N PHE A 296 -25.60 2.39 15.28
CA PHE A 296 -26.89 1.85 14.91
C PHE A 296 -26.95 1.24 13.51
N THR A 297 -25.86 1.34 12.74
CA THR A 297 -25.78 0.68 11.44
C THR A 297 -24.49 -0.14 11.25
N LEU A 298 -23.32 0.50 11.32
CA LEU A 298 -22.06 -0.23 11.15
C LEU A 298 -21.87 -1.31 12.20
N LEU A 299 -22.26 -1.04 13.45
CA LEU A 299 -22.07 -2.02 14.53
C LEU A 299 -22.93 -3.29 14.36
N PRO A 300 -24.27 -3.16 14.38
CA PRO A 300 -25.15 -4.32 14.25
C PRO A 300 -25.32 -4.85 12.83
N GLY A 301 -25.05 -4.02 11.82
CA GLY A 301 -25.38 -4.37 10.47
C GLY A 301 -26.89 -4.26 10.32
N PRO A 302 -27.47 -5.04 9.40
CA PRO A 302 -26.80 -5.98 8.50
C PRO A 302 -26.01 -5.29 7.39
N VAL A 303 -25.17 -6.08 6.71
CA VAL A 303 -24.39 -5.63 5.55
C VAL A 303 -25.27 -4.83 4.57
N ASP A 304 -26.47 -5.34 4.25
CA ASP A 304 -27.31 -4.67 3.25
C ASP A 304 -27.78 -3.30 3.70
N LYS A 305 -27.97 -3.11 5.01
CA LYS A 305 -28.36 -1.81 5.55
C LYS A 305 -27.19 -0.85 5.50
N ILE A 306 -26.01 -1.34 5.83
CA ILE A 306 -24.80 -0.55 5.69
C ILE A 306 -24.67 -0.03 4.25
N LYS A 307 -24.80 -0.93 3.28
CA LYS A 307 -24.64 -0.54 1.89
C LYS A 307 -25.71 0.44 1.42
N ALA A 308 -26.98 0.19 1.80
CA ALA A 308 -28.08 1.08 1.40
C ALA A 308 -27.85 2.49 1.96
N GLU A 309 -27.50 2.57 3.23
CA GLU A 309 -27.30 3.88 3.86
C GLU A 309 -26.06 4.59 3.29
N ALA A 310 -25.03 3.82 2.98
CA ALA A 310 -23.84 4.34 2.30
C ALA A 310 -24.18 4.88 0.90
N LYS A 311 -25.03 4.16 0.16
CA LYS A 311 -25.40 4.57 -1.19
C LYS A 311 -26.24 5.85 -1.18
N GLU A 312 -27.08 6.02 -0.17
CA GLU A 312 -27.81 7.25 0.01
C GLU A 312 -26.85 8.43 0.23
N ALA A 313 -25.79 8.20 1.01
CA ALA A 313 -24.81 9.24 1.25
C ALA A 313 -24.14 9.63 -0.08
N LEU A 314 -23.73 8.63 -0.85
CA LEU A 314 -23.09 8.88 -2.14
C LEU A 314 -24.02 9.60 -3.10
N GLU A 315 -25.26 9.14 -3.21
CA GLU A 315 -26.24 9.78 -4.05
C GLU A 315 -26.49 11.23 -3.64
N GLY A 316 -26.37 11.52 -2.36
CA GLY A 316 -26.57 12.86 -1.86
C GLY A 316 -25.35 13.77 -1.98
N GLY A 317 -24.27 13.28 -2.58
CA GLY A 317 -23.10 14.09 -2.79
C GLY A 317 -22.03 14.10 -1.69
N ILE A 318 -22.05 13.12 -0.78
CA ILE A 318 -20.98 13.01 0.21
C ILE A 318 -19.64 13.04 -0.52
N ASP A 319 -18.69 13.75 0.07
CA ASP A 319 -17.37 13.95 -0.55
C ASP A 319 -16.38 12.87 -0.19
N VAL A 320 -16.50 12.38 1.02
CA VAL A 320 -15.72 11.24 1.51
C VAL A 320 -16.69 10.34 2.28
N LEU A 321 -16.83 9.11 1.83
CA LEU A 321 -17.71 8.15 2.50
C LEU A 321 -17.01 7.62 3.74
N ALA A 322 -17.70 7.69 4.87
CA ALA A 322 -17.09 7.42 6.19
C ALA A 322 -18.13 7.10 7.27
N PRO A 323 -17.70 6.39 8.34
CA PRO A 323 -18.54 6.25 9.51
C PRO A 323 -18.89 7.62 10.10
N GLY A 324 -20.08 7.75 10.68
CA GLY A 324 -20.52 8.99 11.30
C GLY A 324 -19.73 9.42 12.52
N CYS A 325 -19.24 8.45 13.29
CA CYS A 325 -18.43 8.72 14.48
C CYS A 325 -17.35 7.64 14.55
N GLY A 326 -16.71 7.49 15.70
CA GLY A 326 -15.77 6.40 15.93
C GLY A 326 -16.42 5.06 15.60
N ILE A 327 -15.65 4.16 14.98
CA ILE A 327 -16.14 2.81 14.77
C ILE A 327 -16.25 2.13 16.13
N ALA A 328 -17.41 1.56 16.42
CA ALA A 328 -17.60 0.82 17.67
C ALA A 328 -16.66 -0.40 17.65
N PRO A 329 -15.92 -0.60 18.73
CA PRO A 329 -14.89 -1.62 18.76
C PRO A 329 -15.41 -3.03 18.47
N MSE A 330 -16.66 -3.32 18.80
CA MSE A 330 -17.25 -4.64 18.54
C MSE A 330 -17.76 -4.79 17.11
O MSE A 330 -18.29 -5.82 16.73
CB MSE A 330 -18.37 -4.95 19.53
CG MSE A 330 -17.91 -5.03 20.99
SE MSE A 330 -16.48 -6.35 21.28
CE MSE A 330 -17.33 -7.95 20.57
N THR A 331 -17.57 -3.74 16.29
CA THR A 331 -17.95 -3.84 14.88
C THR A 331 -17.25 -4.99 14.15
N PRO A 332 -18.02 -5.89 13.53
CA PRO A 332 -17.37 -6.93 12.74
C PRO A 332 -16.61 -6.36 11.53
N LEU A 333 -15.48 -7.00 11.21
CA LEU A 333 -14.67 -6.64 10.05
C LEU A 333 -15.54 -6.59 8.80
N GLU A 334 -16.41 -7.57 8.68
CA GLU A 334 -17.28 -7.71 7.52
C GLU A 334 -18.18 -6.48 7.36
N ASN A 335 -18.56 -5.83 8.46
CA ASN A 335 -19.38 -4.63 8.37
C ASN A 335 -18.58 -3.44 7.87
N VAL A 336 -17.30 -3.37 8.20
CA VAL A 336 -16.42 -2.33 7.67
C VAL A 336 -16.21 -2.56 6.17
N LYS A 337 -15.98 -3.80 5.76
CA LYS A 337 -15.87 -4.15 4.34
C LYS A 337 -17.12 -3.75 3.56
N ALA A 338 -18.29 -3.86 4.19
CA ALA A 338 -19.56 -3.48 3.55
C ALA A 338 -19.58 -2.03 3.08
N LEU A 339 -18.98 -1.16 3.88
CA LEU A 339 -18.91 0.26 3.57
C LEU A 339 -18.10 0.47 2.31
N VAL A 340 -16.99 -0.24 2.21
CA VAL A 340 -16.15 -0.22 1.02
C VAL A 340 -16.88 -0.83 -0.18
N ALA A 341 -17.56 -1.95 0.01
CA ALA A 341 -18.28 -2.60 -1.09
C ALA A 341 -19.36 -1.67 -1.65
N ALA A 342 -20.01 -0.88 -0.79
CA ALA A 342 -21.06 0.02 -1.23
C ALA A 342 -20.53 1.05 -2.24
N ARG A 343 -19.36 1.60 -1.95
CA ARG A 343 -18.74 2.58 -2.82
C ARG A 343 -18.42 1.91 -4.16
N ASP A 344 -17.78 0.74 -4.10
CA ASP A 344 -17.45 -0.03 -5.30
C ASP A 344 -18.69 -0.37 -6.14
N GLU A 345 -19.75 -0.85 -5.50
CA GLU A 345 -20.97 -1.18 -6.24
C GLU A 345 -21.57 0.07 -6.87
N PHE A 346 -21.46 1.21 -6.18
CA PHE A 346 -22.05 2.45 -6.65
C PHE A 346 -21.51 2.85 -8.02
N TYR A 347 -20.25 2.58 -8.27
CA TYR A 347 -19.60 3.02 -9.51
C TYR A 347 -19.66 1.90 -10.55
N ALA A 348 -20.48 0.89 -10.24
CA ALA A 348 -20.95 -0.09 -11.22
C ALA A 348 -19.86 -1.06 -11.55
N ASP B 9 8.27 10.56 -32.83
CA ASP B 9 6.92 10.80 -32.25
C ASP B 9 6.26 9.47 -31.86
N MSE B 10 4.96 9.50 -31.59
CA MSE B 10 4.24 8.31 -31.15
C MSE B 10 4.08 7.27 -32.27
O MSE B 10 3.65 6.15 -32.01
CB MSE B 10 2.84 8.67 -30.62
CG MSE B 10 2.79 9.52 -29.34
SE MSE B 10 3.56 8.67 -27.74
CE MSE B 10 5.36 9.44 -27.87
N SER B 11 4.43 7.62 -33.49
CA SER B 11 4.19 6.72 -34.61
C SER B 11 5.41 5.89 -35.00
N GLU B 12 6.47 5.99 -34.21
CA GLU B 12 7.77 5.42 -34.58
C GLU B 12 8.37 4.42 -33.57
N PHE B 13 7.52 3.88 -32.68
CA PHE B 13 7.99 2.88 -31.73
C PHE B 13 8.40 1.53 -32.38
N THR B 14 9.48 0.95 -31.87
CA THR B 14 9.78 -0.45 -32.14
C THR B 14 9.33 -1.26 -30.92
N LEU B 15 9.41 -2.59 -31.00
CA LEU B 15 9.08 -3.38 -29.84
C LEU B 15 10.03 -3.04 -28.70
N LYS B 16 11.30 -2.81 -29.02
CA LYS B 16 12.27 -2.51 -27.99
C LYS B 16 12.00 -1.16 -27.32
N THR B 17 11.78 -0.12 -28.10
CA THR B 17 11.63 1.21 -27.53
C THR B 17 10.31 1.32 -26.78
N ARG B 18 9.28 0.62 -27.26
CA ARG B 18 8.00 0.63 -26.55
C ARG B 18 8.10 0.00 -25.16
N LEU B 19 8.76 -1.16 -25.06
CA LEU B 19 8.91 -1.83 -23.77
C LEU B 19 9.70 -0.96 -22.80
N LEU B 20 10.83 -0.44 -23.24
CA LEU B 20 11.64 0.37 -22.35
C LEU B 20 10.88 1.63 -21.91
N ALA B 21 10.21 2.30 -22.86
CA ALA B 21 9.45 3.48 -22.53
C ALA B 21 8.36 3.14 -21.55
N ALA B 22 7.64 2.05 -21.82
CA ALA B 22 6.56 1.59 -20.95
C ALA B 22 7.02 1.35 -19.53
N LEU B 23 8.14 0.66 -19.39
CA LEU B 23 8.71 0.36 -18.08
C LEU B 23 9.17 1.62 -17.36
N LYS B 24 9.61 2.64 -18.09
CA LYS B 24 10.06 3.88 -17.44
C LYS B 24 8.91 4.83 -17.17
N GLY B 25 7.72 4.50 -17.65
CA GLY B 25 6.57 5.38 -17.48
C GLY B 25 6.57 6.56 -18.47
N GLU B 26 7.26 6.41 -19.59
CA GLU B 26 7.25 7.46 -20.60
C GLU B 26 6.03 7.25 -21.52
N PRO B 27 5.59 8.32 -22.21
CA PRO B 27 4.42 8.14 -23.07
C PRO B 27 4.64 7.06 -24.15
N VAL B 28 3.62 6.27 -24.42
CA VAL B 28 3.69 5.23 -25.45
C VAL B 28 2.44 5.26 -26.28
N ASP B 29 2.51 4.71 -27.49
CA ASP B 29 1.33 4.61 -28.33
C ASP B 29 0.32 3.59 -27.79
N LYS B 30 0.83 2.55 -27.13
CA LYS B 30 -0.03 1.48 -26.60
C LYS B 30 0.76 0.60 -25.62
N VAL B 31 0.05 -0.10 -24.74
CA VAL B 31 0.69 -1.00 -23.78
C VAL B 31 1.31 -2.19 -24.53
N PRO B 32 2.60 -2.43 -24.30
CA PRO B 32 3.22 -3.62 -24.87
C PRO B 32 2.75 -4.89 -24.17
N VAL B 33 2.71 -5.99 -24.91
CA VAL B 33 2.31 -7.28 -24.34
C VAL B 33 3.44 -8.28 -24.54
N CYS B 34 3.95 -8.78 -23.43
CA CYS B 34 5.04 -9.74 -23.47
C CYS B 34 5.11 -10.48 -22.13
N SER B 35 6.11 -11.34 -21.97
CA SER B 35 6.31 -12.04 -20.71
C SER B 35 7.68 -11.68 -20.16
N VAL B 36 7.74 -11.35 -18.87
CA VAL B 36 9.05 -11.14 -18.22
C VAL B 36 9.44 -12.34 -17.37
N THR B 37 8.56 -13.32 -17.36
CA THR B 37 8.77 -14.59 -16.68
C THR B 37 8.94 -15.69 -17.74
N GLN B 38 9.21 -16.92 -17.31
CA GLN B 38 9.64 -17.97 -18.23
C GLN B 38 8.61 -18.25 -19.34
N THR B 39 9.13 -18.45 -20.55
CA THR B 39 8.28 -18.60 -21.74
C THR B 39 8.34 -19.94 -22.45
N GLY B 40 9.02 -20.92 -21.87
CA GLY B 40 9.06 -22.25 -22.47
C GLY B 40 7.74 -23.01 -22.39
N ILE B 41 7.17 -23.37 -23.53
CA ILE B 41 5.96 -24.17 -23.53
C ILE B 41 6.08 -25.39 -24.45
N VAL B 42 5.49 -26.50 -24.00
CA VAL B 42 5.62 -27.81 -24.64
C VAL B 42 5.24 -27.77 -26.12
N GLU B 43 4.13 -27.13 -26.42
CA GLU B 43 3.66 -27.02 -27.78
C GLU B 43 4.72 -26.42 -28.70
N LEU B 44 5.47 -25.43 -28.22
CA LEU B 44 6.53 -24.84 -29.04
C LEU B 44 7.80 -25.68 -29.05
N MSE B 45 8.08 -26.37 -27.95
CA MSE B 45 9.19 -27.30 -27.91
C MSE B 45 9.08 -28.25 -29.09
O MSE B 45 10.06 -28.52 -29.78
CB MSE B 45 9.20 -28.10 -26.62
CG MSE B 45 9.45 -27.31 -25.37
SE MSE B 45 9.37 -28.42 -23.77
CE MSE B 45 9.06 -27.02 -22.42
N ASP B 46 7.87 -28.77 -29.30
CA ASP B 46 7.60 -29.74 -30.35
C ASP B 46 7.69 -29.07 -31.72
N VAL B 47 7.07 -27.91 -31.87
CA VAL B 47 7.04 -27.26 -33.17
C VAL B 47 8.45 -26.96 -33.70
N VAL B 48 9.32 -26.43 -32.85
CA VAL B 48 10.63 -26.00 -33.35
C VAL B 48 11.79 -26.95 -33.00
N GLY B 49 11.50 -28.04 -32.29
CA GLY B 49 12.50 -29.03 -31.97
C GLY B 49 13.46 -28.63 -30.88
N ALA B 50 12.95 -27.96 -29.85
CA ALA B 50 13.79 -27.47 -28.76
C ALA B 50 13.15 -27.81 -27.40
N PRO B 51 13.24 -29.08 -27.00
CA PRO B 51 12.60 -29.51 -25.78
C PRO B 51 13.46 -29.31 -24.54
N TRP B 52 12.81 -29.10 -23.40
CA TRP B 52 13.47 -29.29 -22.12
C TRP B 52 13.73 -30.80 -22.03
N PRO B 53 14.79 -31.22 -21.32
CA PRO B 53 15.75 -30.40 -20.59
C PRO B 53 16.93 -29.93 -21.41
N GLU B 54 17.03 -30.38 -22.65
CA GLU B 54 18.17 -30.05 -23.50
C GLU B 54 18.27 -28.54 -23.72
N ALA B 55 17.12 -27.88 -23.78
CA ALA B 55 17.09 -26.45 -24.02
C ALA B 55 17.65 -25.63 -22.84
N HIS B 56 17.90 -26.28 -21.70
CA HIS B 56 18.55 -25.62 -20.57
C HIS B 56 20.08 -25.63 -20.72
N THR B 57 20.62 -26.55 -21.53
CA THR B 57 22.06 -26.76 -21.59
C THR B 57 22.68 -26.46 -22.96
N ASN B 58 21.85 -26.37 -23.99
CA ASN B 58 22.30 -26.09 -25.34
C ASN B 58 21.86 -24.68 -25.75
N PRO B 59 22.84 -23.76 -25.96
CA PRO B 59 22.52 -22.37 -26.28
C PRO B 59 21.66 -22.19 -27.53
N GLU B 60 21.94 -22.95 -28.58
CA GLU B 60 21.16 -22.85 -29.79
C GLU B 60 19.71 -23.22 -29.51
N LEU B 61 19.49 -24.34 -28.83
CA LEU B 61 18.14 -24.78 -28.52
C LEU B 61 17.45 -23.82 -27.55
N MSE B 62 18.19 -23.31 -26.57
CA MSE B 62 17.64 -22.32 -25.63
C MSE B 62 17.10 -21.14 -26.43
O MSE B 62 16.00 -20.65 -26.16
CB MSE B 62 18.71 -21.85 -24.65
CG MSE B 62 18.23 -20.81 -23.64
SE MSE B 62 19.53 -20.31 -22.28
CE MSE B 62 19.38 -21.96 -21.17
N ALA B 63 17.89 -20.68 -27.38
CA ALA B 63 17.56 -19.54 -28.19
C ALA B 63 16.31 -19.82 -29.01
N LYS B 64 16.28 -20.97 -29.67
CA LYS B 64 15.15 -21.37 -30.51
C LYS B 64 13.82 -21.45 -29.77
N LEU B 65 13.83 -22.09 -28.60
CA LEU B 65 12.61 -22.21 -27.82
C LEU B 65 12.07 -20.83 -27.41
N ALA B 66 12.96 -19.94 -27.01
CA ALA B 66 12.60 -18.57 -26.62
C ALA B 66 12.06 -17.78 -27.80
N LEU B 67 12.75 -17.89 -28.93
CA LEU B 67 12.34 -17.21 -30.15
C LEU B 67 10.94 -17.63 -30.58
N ALA B 68 10.64 -18.92 -30.41
CA ALA B 68 9.37 -19.47 -30.83
C ALA B 68 8.20 -18.74 -30.15
N ASN B 69 8.37 -18.39 -28.87
CA ASN B 69 7.26 -17.76 -28.14
C ASN B 69 7.34 -16.24 -28.26
N HIS B 70 7.96 -15.81 -29.35
CA HIS B 70 7.88 -14.44 -29.85
C HIS B 70 7.34 -14.51 -31.29
N GLU B 71 8.01 -15.27 -32.15
CA GLU B 71 7.64 -15.32 -33.56
C GLU B 71 6.30 -16.00 -33.79
N LEU B 72 5.99 -17.03 -33.00
CA LEU B 72 4.80 -17.83 -33.25
C LEU B 72 3.61 -17.43 -32.35
N SER B 73 3.88 -16.63 -31.33
CA SER B 73 2.85 -16.25 -30.37
C SER B 73 2.46 -14.78 -30.45
N GLY B 74 3.40 -13.94 -30.85
CA GLY B 74 3.16 -12.49 -30.91
C GLY B 74 3.59 -11.73 -29.66
N LEU B 75 4.08 -12.44 -28.66
CA LEU B 75 4.64 -11.77 -27.49
C LEU B 75 5.77 -10.86 -27.97
N GLU B 76 5.80 -9.65 -27.44
CA GLU B 76 6.64 -8.61 -28.00
C GLU B 76 8.01 -8.45 -27.33
N ALA B 77 8.56 -9.59 -26.92
CA ALA B 77 9.91 -9.71 -26.37
C ALA B 77 10.39 -11.15 -26.48
N VAL B 78 11.66 -11.35 -26.18
CA VAL B 78 12.17 -12.69 -26.00
C VAL B 78 12.74 -12.77 -24.60
N ARG B 79 12.49 -13.88 -23.92
CA ARG B 79 12.87 -14.05 -22.53
C ARG B 79 13.54 -15.40 -22.36
N LEU B 80 14.69 -15.38 -21.68
CA LEU B 80 15.45 -16.58 -21.32
C LEU B 80 16.17 -16.36 -20.00
N PRO B 81 16.61 -17.46 -19.34
CA PRO B 81 16.37 -18.87 -19.63
C PRO B 81 15.00 -19.33 -19.10
N TYR B 82 14.91 -20.55 -18.55
CA TYR B 82 13.61 -21.17 -18.22
C TYR B 82 13.45 -21.60 -16.76
N CSD B 83 14.32 -21.11 -15.87
CA CSD B 83 14.41 -21.63 -14.52
CB CSD B 83 15.25 -22.89 -14.57
SG CSD B 83 16.86 -22.51 -14.84
C CSD B 83 15.05 -20.65 -13.59
O CSD B 83 15.55 -19.63 -14.01
OD1 CSD B 83 17.67 -23.28 -13.95
OD2 CSD B 83 17.18 -22.82 -16.19
N LEU B 84 15.06 -20.97 -12.30
CA LEU B 84 15.64 -20.11 -11.27
C LEU B 84 16.85 -20.79 -10.63
N THR B 85 17.66 -21.48 -11.43
CA THR B 85 18.76 -22.29 -10.88
C THR B 85 20.14 -22.04 -11.46
N VAL B 86 20.24 -21.26 -12.53
CA VAL B 86 21.53 -21.10 -13.21
C VAL B 86 22.60 -20.54 -12.27
N LEU B 87 22.28 -19.43 -11.60
CA LEU B 87 23.24 -18.78 -10.71
C LEU B 87 23.50 -19.58 -9.44
N VAL B 88 22.44 -20.08 -8.83
CA VAL B 88 22.61 -20.84 -7.60
C VAL B 88 23.45 -22.10 -7.86
N GLU B 89 23.24 -22.74 -9.02
CA GLU B 89 24.06 -23.89 -9.36
C GLU B 89 25.52 -23.46 -9.48
N ALA B 90 25.78 -22.33 -10.11
CA ALA B 90 27.14 -21.83 -10.26
C ALA B 90 27.78 -21.54 -8.91
N MSE B 91 26.96 -21.25 -7.91
CA MSE B 91 27.43 -20.92 -6.57
C MSE B 91 27.47 -22.16 -5.68
O MSE B 91 27.76 -22.06 -4.50
CB MSE B 91 26.53 -19.86 -5.92
CG MSE B 91 26.70 -18.44 -6.46
SE MSE B 91 28.44 -17.73 -5.98
CE MSE B 91 28.11 -17.43 -4.06
N GLY B 92 27.14 -23.33 -6.23
CA GLY B 92 27.35 -24.59 -5.52
C GLY B 92 26.10 -25.40 -5.21
N CYS B 93 24.92 -24.96 -5.64
CA CYS B 93 23.70 -25.74 -5.42
C CYS B 93 23.59 -26.90 -6.40
N GLU B 94 23.22 -28.05 -5.84
CA GLU B 94 22.92 -29.24 -6.62
C GLU B 94 21.51 -29.08 -7.16
N ILE B 95 21.35 -29.36 -8.45
CA ILE B 95 20.10 -29.14 -9.15
C ILE B 95 19.54 -30.43 -9.73
N ASN B 96 18.23 -30.56 -9.70
CA ASN B 96 17.54 -31.58 -10.47
C ASN B 96 17.03 -30.93 -11.74
N MSE B 97 17.44 -31.44 -12.89
CA MSE B 97 17.22 -30.73 -14.16
C MSE B 97 15.80 -30.92 -14.75
O MSE B 97 15.47 -30.38 -15.80
CB MSE B 97 18.30 -31.12 -15.17
CG MSE B 97 19.67 -30.51 -14.87
SE MSE B 97 19.67 -28.52 -14.79
CE MSE B 97 19.30 -28.16 -16.66
N GLY B 98 14.96 -31.67 -14.04
CA GLY B 98 13.55 -31.73 -14.36
C GLY B 98 13.25 -32.59 -15.57
N THR B 99 12.15 -32.28 -16.25
CA THR B 99 11.69 -33.06 -17.38
C THR B 99 11.20 -32.16 -18.50
N LYS B 100 10.56 -32.74 -19.50
CA LYS B 100 10.02 -31.98 -20.61
C LYS B 100 9.01 -30.92 -20.17
N ASN B 101 8.28 -31.16 -19.09
CA ASN B 101 7.30 -30.18 -18.59
C ASN B 101 7.45 -29.78 -17.13
N ARG B 102 8.58 -30.13 -16.51
CA ARG B 102 8.87 -29.71 -15.15
C ARG B 102 10.22 -28.99 -15.12
N GLN B 103 10.24 -27.80 -14.52
CA GLN B 103 11.42 -26.97 -14.46
C GLN B 103 12.49 -27.57 -13.54
N PRO B 104 13.76 -27.29 -13.85
CA PRO B 104 14.81 -27.56 -12.91
C PRO B 104 14.45 -26.96 -11.54
N SER B 105 14.88 -27.63 -10.48
CA SER B 105 14.70 -27.16 -9.12
C SER B 105 15.95 -27.49 -8.29
N VAL B 106 16.12 -26.78 -7.19
CA VAL B 106 17.26 -26.97 -6.31
C VAL B 106 17.02 -28.14 -5.37
N THR B 107 17.96 -29.07 -5.31
CA THR B 107 17.85 -30.21 -4.40
C THR B 107 18.96 -30.20 -3.34
N GLY B 108 20.00 -29.41 -3.55
CA GLY B 108 21.12 -29.42 -2.62
C GLY B 108 21.52 -28.03 -2.20
N HIS B 109 21.73 -27.83 -0.90
CA HIS B 109 22.12 -26.53 -0.34
C HIS B 109 23.49 -26.63 0.31
N PRO B 110 24.48 -25.90 -0.23
CA PRO B 110 25.85 -26.07 0.24
C PRO B 110 26.16 -25.46 1.62
N TYR B 111 25.35 -24.53 2.13
CA TYR B 111 25.72 -23.79 3.34
C TYR B 111 24.60 -23.73 4.38
N PRO B 112 24.14 -24.89 4.83
CA PRO B 112 22.99 -24.95 5.73
C PRO B 112 23.29 -24.51 7.17
N LYS B 113 24.55 -24.51 7.60
CA LYS B 113 24.90 -24.21 9.00
C LYS B 113 25.74 -22.95 9.17
N ASP B 114 26.55 -22.65 8.17
CA ASP B 114 27.49 -21.54 8.28
C ASP B 114 27.98 -21.19 6.89
N LEU B 115 28.62 -20.03 6.77
CA LEU B 115 29.03 -19.50 5.49
C LEU B 115 30.53 -19.66 5.22
N GLU B 116 31.20 -20.50 6.01
CA GLU B 116 32.60 -20.83 5.78
C GLU B 116 32.76 -21.34 4.35
N GLY B 117 33.52 -20.58 3.56
CA GLY B 117 33.84 -20.96 2.19
C GLY B 117 32.96 -20.31 1.14
N ALA B 118 32.03 -19.45 1.57
CA ALA B 118 30.96 -18.96 0.67
C ALA B 118 31.30 -17.76 -0.25
N ALA B 119 32.47 -17.17 -0.14
CA ALA B 119 32.83 -16.04 -1.01
C ALA B 119 32.43 -16.21 -2.49
N VAL B 120 32.17 -15.11 -3.18
CA VAL B 120 31.90 -15.18 -4.62
C VAL B 120 33.21 -15.44 -5.35
N PRO B 121 33.26 -16.51 -6.17
CA PRO B 121 34.45 -16.90 -6.94
C PRO B 121 34.81 -15.96 -8.10
N ALA B 122 36.09 -15.68 -8.25
CA ALA B 122 36.58 -14.84 -9.34
C ALA B 122 36.17 -15.42 -10.70
N ASP B 123 36.02 -16.73 -10.80
CA ASP B 123 35.64 -17.36 -12.06
C ASP B 123 34.13 -17.65 -12.17
N LEU B 124 33.31 -16.90 -11.45
CA LEU B 124 31.86 -17.16 -11.40
C LEU B 124 31.24 -17.29 -12.79
N LEU B 125 31.56 -16.34 -13.67
CA LEU B 125 30.93 -16.30 -14.99
C LEU B 125 31.29 -17.49 -15.89
N GLN B 126 32.30 -18.28 -15.52
CA GLN B 126 32.64 -19.48 -16.30
C GLN B 126 31.95 -20.72 -15.77
N ARG B 127 31.23 -20.59 -14.67
CA ARG B 127 30.69 -21.78 -14.01
C ARG B 127 29.30 -22.18 -14.45
N GLY B 128 29.04 -23.48 -14.39
CA GLY B 128 27.74 -24.03 -14.68
C GLY B 128 27.22 -23.63 -16.03
N ARG B 129 25.98 -23.16 -16.08
CA ARG B 129 25.35 -22.85 -17.34
C ARG B 129 25.35 -21.35 -17.61
N ILE B 130 26.10 -20.60 -16.82
CA ILE B 130 26.21 -19.17 -17.08
C ILE B 130 26.71 -18.92 -18.53
N PRO B 131 27.77 -19.62 -18.96
CA PRO B 131 28.21 -19.46 -20.35
C PRO B 131 27.15 -19.79 -21.39
N VAL B 132 26.32 -20.78 -21.08
CA VAL B 132 25.20 -21.14 -21.93
C VAL B 132 24.20 -19.98 -22.10
N VAL B 133 23.78 -19.41 -20.97
CA VAL B 133 22.84 -18.30 -21.01
C VAL B 133 23.42 -17.09 -21.77
N LEU B 134 24.68 -16.77 -21.49
CA LEU B 134 25.34 -15.62 -22.13
C LEU B 134 25.42 -15.82 -23.65
N GLU B 135 25.82 -17.00 -24.09
CA GLU B 135 25.84 -17.31 -25.51
C GLU B 135 24.44 -17.32 -26.15
N ALA B 136 23.43 -17.83 -25.43
CA ALA B 136 22.07 -17.83 -25.95
C ALA B 136 21.54 -16.40 -26.18
N ILE B 137 21.92 -15.47 -25.31
CA ILE B 137 21.53 -14.07 -25.50
C ILE B 137 22.10 -13.55 -26.82
N LYS B 138 23.37 -13.85 -27.07
CA LYS B 138 24.03 -13.44 -28.31
C LYS B 138 23.38 -14.08 -29.52
N ILE B 139 23.08 -15.37 -29.43
CA ILE B 139 22.38 -16.07 -30.50
C ILE B 139 21.01 -15.44 -30.77
N ILE B 140 20.23 -15.25 -29.70
CA ILE B 140 18.90 -14.63 -29.83
C ILE B 140 18.98 -13.28 -30.50
N ARG B 141 19.96 -12.46 -30.11
CA ARG B 141 20.13 -11.15 -30.73
C ARG B 141 20.31 -11.27 -32.25
N GLU B 142 21.16 -12.20 -32.68
CA GLU B 142 21.35 -12.45 -34.09
C GLU B 142 20.00 -12.78 -34.74
N LYS B 143 19.15 -13.55 -34.04
CA LYS B 143 17.91 -14.00 -34.64
C LYS B 143 16.75 -12.98 -34.68
N VAL B 144 16.76 -11.98 -33.80
CA VAL B 144 15.63 -11.04 -33.74
C VAL B 144 16.02 -9.62 -34.12
N GLY B 145 17.30 -9.33 -34.07
CA GLY B 145 17.81 -8.00 -34.37
C GLY B 145 17.71 -7.06 -33.18
N PRO B 146 18.11 -5.81 -33.38
CA PRO B 146 18.26 -4.90 -32.25
C PRO B 146 16.96 -4.23 -31.80
N ASP B 147 15.88 -4.36 -32.58
CA ASP B 147 14.65 -3.62 -32.29
C ASP B 147 13.56 -4.46 -31.62
N VAL B 148 13.95 -5.64 -31.17
CA VAL B 148 13.09 -6.53 -30.40
C VAL B 148 13.81 -6.75 -29.09
N PRO B 149 13.12 -6.53 -27.95
CA PRO B 149 13.81 -6.59 -26.67
C PRO B 149 14.08 -8.00 -26.17
N ILE B 150 15.22 -8.18 -25.54
CA ILE B 150 15.60 -9.43 -24.89
C ILE B 150 15.55 -9.18 -23.39
N VAL B 151 14.78 -10.00 -22.70
CA VAL B 151 14.63 -9.92 -21.26
C VAL B 151 15.40 -11.08 -20.66
N GLY B 152 16.42 -10.77 -19.87
CA GLY B 152 17.20 -11.80 -19.21
C GLY B 152 16.64 -12.01 -17.83
N GLY B 153 16.29 -13.26 -17.54
CA GLY B 153 15.67 -13.65 -16.28
C GLY B 153 16.62 -14.38 -15.35
N MSE B 154 16.38 -14.21 -14.05
CA MSE B 154 17.19 -14.88 -13.04
C MSE B 154 16.56 -14.83 -11.67
O MSE B 154 15.76 -13.94 -11.36
CB MSE B 154 18.57 -14.23 -12.96
CG MSE B 154 18.51 -12.78 -12.59
SE MSE B 154 20.25 -11.91 -12.41
CE MSE B 154 20.83 -12.71 -10.77
N GLU B 155 16.95 -15.78 -10.83
CA GLU B 155 16.58 -15.76 -9.44
C GLU B 155 17.16 -14.52 -8.77
N GLY B 156 16.38 -13.86 -7.93
CA GLY B 156 16.84 -12.67 -7.24
C GLY B 156 17.70 -12.98 -6.02
N PRO B 157 18.32 -11.96 -5.43
CA PRO B 157 19.26 -12.14 -4.31
C PRO B 157 18.68 -12.83 -3.08
N VAL B 158 17.40 -12.64 -2.79
CA VAL B 158 16.79 -13.30 -1.64
C VAL B 158 16.70 -14.82 -1.86
N THR B 159 16.23 -15.18 -3.05
CA THR B 159 16.09 -16.58 -3.40
C THR B 159 17.46 -17.23 -3.54
N VAL B 160 18.46 -16.48 -3.99
CA VAL B 160 19.82 -17.00 -4.10
C VAL B 160 20.35 -17.33 -2.69
N ALA B 161 20.26 -16.37 -1.77
CA ALA B 161 20.66 -16.59 -0.39
C ALA B 161 19.97 -17.82 0.21
N SER B 162 18.66 -17.89 0.06
CA SER B 162 17.87 -18.98 0.61
C SER B 162 18.24 -20.34 -0.02
N ASP B 163 18.51 -20.33 -1.32
CA ASP B 163 18.95 -21.53 -2.02
C ASP B 163 20.33 -22.00 -1.50
N LEU B 164 21.21 -21.06 -1.22
CA LEU B 164 22.53 -21.41 -0.72
C LEU B 164 22.52 -22.02 0.69
N VAL B 165 21.62 -21.57 1.56
CA VAL B 165 21.60 -21.99 2.96
C VAL B 165 20.42 -22.91 3.31
N SER B 166 19.52 -23.12 2.35
CA SER B 166 18.25 -23.80 2.55
C SER B 166 17.21 -22.85 3.13
N VAL B 167 15.96 -22.96 2.69
CA VAL B 167 14.90 -22.05 3.11
C VAL B 167 14.66 -22.19 4.62
N LYS B 168 14.83 -23.41 5.13
CA LYS B 168 14.71 -23.66 6.57
C LYS B 168 15.70 -22.80 7.38
N SER B 169 16.98 -22.84 7.04
CA SER B 169 17.97 -22.02 7.75
C SER B 169 17.72 -20.53 7.54
N PHE B 170 17.39 -20.15 6.30
CA PHE B 170 17.14 -18.76 5.95
C PHE B 170 16.08 -18.16 6.89
N MSE B 171 14.94 -18.84 7.00
CA MSE B 171 13.86 -18.41 7.86
C MSE B 171 14.26 -18.40 9.34
O MSE B 171 14.02 -17.42 10.06
CB MSE B 171 12.63 -19.31 7.63
CG MSE B 171 11.93 -19.00 6.30
SE MSE B 171 10.33 -20.09 5.97
CE MSE B 171 10.98 -21.85 6.45
N LYS B 172 14.92 -19.47 9.78
CA LYS B 172 15.44 -19.56 11.14
C LYS B 172 16.39 -18.42 11.43
N TRP B 173 17.35 -18.16 10.54
CA TRP B 173 18.31 -17.09 10.78
C TRP B 173 17.70 -15.70 10.81
N SER B 174 16.61 -15.50 10.06
CA SER B 174 15.94 -14.20 10.04
C SER B 174 15.47 -13.79 11.44
N ILE B 175 15.26 -14.77 12.31
CA ILE B 175 14.89 -14.47 13.69
C ILE B 175 16.06 -14.59 14.66
N LYS B 176 16.86 -15.64 14.53
CA LYS B 176 17.80 -16.02 15.57
C LYS B 176 19.27 -15.80 15.22
N LYS B 177 19.59 -15.62 13.95
CA LYS B 177 20.97 -15.34 13.54
C LYS B 177 21.06 -14.32 12.41
N THR B 178 20.64 -13.09 12.70
CA THR B 178 20.42 -12.07 11.67
C THR B 178 21.72 -11.61 11.01
N ASP B 179 22.84 -11.73 11.72
CA ASP B 179 24.14 -11.42 11.13
C ASP B 179 24.51 -12.40 10.01
N LEU B 180 24.22 -13.69 10.22
CA LEU B 180 24.40 -14.71 9.19
C LEU B 180 23.45 -14.55 8.01
N LEU B 181 22.19 -14.22 8.29
CA LEU B 181 21.25 -13.91 7.22
C LEU B 181 21.80 -12.80 6.34
N GLU B 182 22.30 -11.75 6.97
CA GLU B 182 22.79 -10.61 6.24
C GLU B 182 24.03 -10.94 5.41
N GLN B 183 24.92 -11.74 5.98
CA GLN B 183 26.12 -12.16 5.28
C GLN B 183 25.76 -12.98 4.05
N ALA B 184 24.81 -13.89 4.20
CA ALA B 184 24.30 -14.69 3.10
C ALA B 184 23.69 -13.77 2.02
N LEU B 185 22.86 -12.84 2.47
CA LEU B 185 22.23 -11.89 1.56
C LEU B 185 23.26 -11.04 0.81
N ASP B 186 24.34 -10.65 1.48
CA ASP B 186 25.36 -9.80 0.86
C ASP B 186 26.15 -10.55 -0.23
N ILE B 187 26.51 -11.79 0.08
CA ILE B 187 27.16 -12.65 -0.89
C ILE B 187 26.26 -12.89 -2.09
N ALA B 188 24.99 -13.16 -1.82
CA ALA B 188 24.00 -13.43 -2.86
C ALA B 188 23.81 -12.21 -3.79
N THR B 189 23.81 -11.03 -3.21
CA THR B 189 23.57 -9.82 -3.97
C THR B 189 24.78 -9.53 -4.87
N GLU B 190 25.98 -9.73 -4.32
CA GLU B 190 27.21 -9.52 -5.06
C GLU B 190 27.24 -10.40 -6.30
N ALA B 191 26.95 -11.70 -6.13
CA ALA B 191 26.92 -12.64 -7.25
C ALA B 191 25.80 -12.30 -8.25
N SER B 192 24.64 -11.91 -7.74
CA SER B 192 23.52 -11.57 -8.60
C SER B 192 23.87 -10.38 -9.50
N ILE B 193 24.55 -9.38 -8.95
CA ILE B 193 24.92 -8.19 -9.71
C ILE B 193 25.93 -8.54 -10.81
N ILE B 194 26.89 -9.40 -10.49
CA ILE B 194 27.91 -9.78 -11.46
C ILE B 194 27.27 -10.49 -12.66
N TYR B 195 26.36 -11.42 -12.37
CA TYR B 195 25.68 -12.19 -13.40
C TYR B 195 24.79 -11.28 -14.24
N ALA B 196 24.02 -10.41 -13.58
CA ALA B 196 23.11 -9.51 -14.30
C ALA B 196 23.86 -8.56 -15.24
N ASN B 197 24.98 -8.00 -14.80
CA ASN B 197 25.75 -7.11 -15.67
C ASN B 197 26.38 -7.87 -16.84
N ALA B 198 26.77 -9.12 -16.59
CA ALA B 198 27.28 -10.00 -17.63
C ALA B 198 26.21 -10.20 -18.71
N MSE B 199 24.95 -10.31 -18.30
CA MSE B 199 23.87 -10.45 -19.28
C MSE B 199 23.66 -9.15 -20.07
O MSE B 199 23.34 -9.20 -21.26
CB MSE B 199 22.57 -10.91 -18.62
CG MSE B 199 22.52 -12.41 -18.30
SE MSE B 199 20.72 -13.01 -17.71
CE MSE B 199 20.47 -11.71 -16.38
N VAL B 200 23.84 -8.00 -19.41
CA VAL B 200 23.79 -6.72 -20.10
C VAL B 200 24.93 -6.64 -21.14
N GLU B 201 26.15 -6.99 -20.77
CA GLU B 201 27.26 -7.04 -21.72
C GLU B 201 26.95 -7.94 -22.93
N ALA B 202 26.22 -9.02 -22.70
CA ALA B 202 25.89 -9.99 -23.76
C ALA B 202 24.78 -9.51 -24.70
N GLY B 203 23.97 -8.56 -24.25
CA GLY B 203 22.91 -8.03 -25.10
C GLY B 203 21.51 -7.89 -24.52
N ALA B 204 21.32 -8.27 -23.25
CA ALA B 204 20.00 -8.12 -22.63
C ALA B 204 19.55 -6.65 -22.51
N ASP B 205 18.30 -6.37 -22.89
CA ASP B 205 17.76 -5.02 -22.77
C ASP B 205 17.11 -4.76 -21.41
N VAL B 206 16.63 -5.81 -20.77
CA VAL B 206 15.98 -5.72 -19.48
C VAL B 206 16.45 -6.92 -18.65
N ILE B 207 16.77 -6.68 -17.38
CA ILE B 207 17.00 -7.78 -16.45
C ILE B 207 15.80 -7.91 -15.53
N ALA B 208 15.12 -9.05 -15.61
CA ALA B 208 13.95 -9.32 -14.81
C ALA B 208 14.24 -10.42 -13.80
N ILE B 209 14.40 -10.04 -12.55
CA ILE B 209 14.67 -11.01 -11.49
C ILE B 209 13.34 -11.49 -10.91
N ALA B 210 13.32 -12.78 -10.59
CA ALA B 210 12.20 -13.42 -9.91
C ALA B 210 12.67 -13.82 -8.53
N ASP B 211 12.03 -13.28 -7.50
CA ASP B 211 12.47 -13.50 -6.14
C ASP B 211 11.32 -14.03 -5.28
N PRO B 212 10.89 -15.27 -5.54
CA PRO B 212 9.73 -15.78 -4.82
C PRO B 212 9.88 -15.85 -3.29
N VAL B 213 11.10 -16.02 -2.82
CA VAL B 213 11.31 -16.19 -1.39
C VAL B 213 11.08 -14.87 -0.63
N ALA B 214 11.08 -13.75 -1.35
CA ALA B 214 10.83 -12.45 -0.77
C ALA B 214 9.31 -12.17 -0.59
N SER B 215 8.50 -13.08 -1.09
CA SER B 215 7.06 -12.98 -0.97
C SER B 215 6.58 -13.03 0.46
N PRO B 216 5.53 -12.26 0.77
CA PRO B 216 4.92 -12.33 2.09
C PRO B 216 4.36 -13.72 2.40
N ASP B 217 4.15 -14.54 1.37
CA ASP B 217 3.80 -15.94 1.59
C ASP B 217 4.89 -16.68 2.36
N LEU B 218 6.13 -16.22 2.28
CA LEU B 218 7.25 -16.93 2.89
C LEU B 218 8.03 -16.12 3.92
N MSE B 219 8.14 -14.81 3.72
CA MSE B 219 8.86 -13.91 4.63
C MSE B 219 7.93 -12.75 5.01
O MSE B 219 7.26 -12.17 4.15
CB MSE B 219 10.11 -13.33 3.96
CG MSE B 219 11.26 -14.29 3.71
SE MSE B 219 12.12 -14.91 5.37
CE MSE B 219 11.70 -16.82 5.27
N SER B 220 7.90 -12.37 6.28
CA SER B 220 7.00 -11.32 6.73
C SER B 220 7.34 -9.97 6.08
N PRO B 221 6.32 -9.13 5.86
CA PRO B 221 6.59 -7.79 5.37
C PRO B 221 7.61 -7.02 6.21
N ASP B 222 7.58 -7.19 7.54
CA ASP B 222 8.55 -6.52 8.39
C ASP B 222 9.98 -6.99 8.09
N SER B 223 10.19 -8.29 7.86
CA SER B 223 11.54 -8.77 7.54
C SER B 223 11.96 -8.35 6.12
N PHE B 224 10.98 -8.22 5.21
CA PHE B 224 11.28 -7.64 3.90
C PHE B 224 11.95 -6.28 4.08
N ARG B 225 11.31 -5.41 4.84
CA ARG B 225 11.80 -4.06 5.02
C ARG B 225 13.10 -4.06 5.81
N GLN B 226 13.18 -4.88 6.85
CA GLN B 226 14.36 -4.85 7.70
C GLN B 226 15.62 -5.41 7.00
N PHE B 227 15.49 -6.48 6.22
CA PHE B 227 16.67 -7.18 5.70
C PHE B 227 16.76 -7.25 4.17
N LEU B 228 15.61 -7.36 3.51
CA LEU B 228 15.62 -7.71 2.10
C LEU B 228 15.70 -6.49 1.20
N LYS B 229 14.93 -5.46 1.53
CA LYS B 229 14.81 -4.27 0.71
C LYS B 229 16.16 -3.67 0.30
N SER B 230 17.06 -3.50 1.25
CA SER B 230 18.31 -2.80 0.97
C SER B 230 19.17 -3.55 -0.05
N ARG B 231 19.11 -4.88 -0.03
CA ARG B 231 19.83 -5.69 -1.00
C ARG B 231 19.22 -5.59 -2.41
N LEU B 232 17.88 -5.57 -2.48
CA LEU B 232 17.20 -5.42 -3.76
C LEU B 232 17.51 -4.05 -4.35
N GLN B 233 17.53 -3.03 -3.49
CA GLN B 233 17.95 -1.69 -3.88
C GLN B 233 19.39 -1.63 -4.37
N LYS B 234 20.29 -2.31 -3.68
CA LYS B 234 21.68 -2.39 -4.13
C LYS B 234 21.77 -3.08 -5.50
N PHE B 235 21.00 -4.16 -5.68
CA PHE B 235 20.98 -4.83 -6.97
C PHE B 235 20.53 -3.87 -8.09
N ALA B 236 19.33 -3.32 -7.96
CA ALA B 236 18.80 -2.41 -8.98
C ALA B 236 19.78 -1.29 -9.29
N SER B 237 20.36 -0.70 -8.26
CA SER B 237 21.30 0.40 -8.39
C SER B 237 22.59 0.04 -9.08
N SER B 238 23.01 -1.21 -8.94
CA SER B 238 24.33 -1.62 -9.41
C SER B 238 24.28 -2.29 -10.79
N VAL B 239 23.07 -2.54 -11.28
CA VAL B 239 22.89 -3.21 -12.57
C VAL B 239 22.60 -2.16 -13.65
N ASN B 240 23.40 -2.20 -14.70
CA ASN B 240 23.43 -1.18 -15.75
C ASN B 240 22.39 -1.41 -16.84
N SER B 241 21.15 -1.42 -16.43
CA SER B 241 20.03 -1.74 -17.28
C SER B 241 18.74 -1.33 -16.62
N VAL B 242 17.71 -1.15 -17.43
CA VAL B 242 16.35 -1.18 -16.93
C VAL B 242 16.14 -2.56 -16.33
N THR B 243 15.49 -2.60 -15.17
CA THR B 243 15.26 -3.85 -14.46
C THR B 243 13.80 -4.01 -14.06
N VAL B 244 13.40 -5.27 -13.85
CA VAL B 244 12.07 -5.62 -13.36
C VAL B 244 12.18 -6.55 -12.16
N LEU B 245 11.37 -6.29 -11.13
CA LEU B 245 11.32 -7.14 -9.94
C LEU B 245 10.00 -7.89 -9.91
N HIS B 246 10.10 -9.21 -10.03
CA HIS B 246 8.97 -10.10 -9.92
C HIS B 246 8.95 -10.79 -8.58
N ILE B 247 7.84 -10.66 -7.85
CA ILE B 247 7.63 -11.43 -6.64
C ILE B 247 6.20 -11.93 -6.67
N CYS B 248 6.03 -13.25 -6.56
CA CYS B 248 4.71 -13.82 -6.67
C CYS B 248 4.01 -13.84 -5.32
N GLY B 249 2.76 -14.27 -5.34
CA GLY B 249 1.97 -14.32 -4.14
C GLY B 249 1.29 -13.01 -3.81
N ASN B 250 0.77 -12.95 -2.59
CA ASN B 250 0.00 -11.82 -2.12
C ASN B 250 0.92 -10.69 -1.66
N VAL B 251 1.37 -9.85 -2.59
CA VAL B 251 2.41 -8.86 -2.27
C VAL B 251 1.90 -7.49 -1.83
N ASN B 252 0.59 -7.32 -1.71
CA ASN B 252 0.05 -6.01 -1.34
C ASN B 252 0.74 -5.31 -0.16
N PRO B 253 1.04 -6.05 0.90
CA PRO B 253 1.70 -5.45 2.07
C PRO B 253 3.10 -4.90 1.82
N ILE B 254 3.79 -5.38 0.79
CA ILE B 254 5.14 -4.91 0.46
C ILE B 254 5.23 -4.22 -0.90
N LEU B 255 4.09 -4.03 -1.58
CA LEU B 255 4.08 -3.47 -2.92
C LEU B 255 4.71 -2.08 -2.95
N SER B 256 4.40 -1.25 -1.97
CA SER B 256 5.00 0.07 -1.91
C SER B 256 6.51 -0.03 -1.67
N ASP B 257 6.93 -1.01 -0.87
CA ASP B 257 8.36 -1.21 -0.64
C ASP B 257 9.04 -1.66 -1.92
N MSE B 258 8.37 -2.54 -2.65
CA MSE B 258 8.89 -2.99 -3.93
C MSE B 258 9.11 -1.79 -4.84
O MSE B 258 10.10 -1.72 -5.56
CB MSE B 258 7.95 -4.01 -4.57
CG MSE B 258 7.95 -5.35 -3.88
SE MSE B 258 6.50 -6.46 -4.53
CE MSE B 258 7.11 -6.75 -6.36
N ALA B 259 8.21 -0.82 -4.74
CA ALA B 259 8.27 0.39 -5.57
C ALA B 259 9.43 1.31 -5.21
N ASP B 260 9.98 1.15 -4.00
CA ASP B 260 11.14 1.91 -3.56
C ASP B 260 12.49 1.25 -3.92
N CYS B 261 12.47 0.09 -4.57
CA CYS B 261 13.69 -0.68 -4.72
C CYS B 261 14.59 -0.36 -5.90
N GLY B 262 14.17 0.58 -6.75
CA GLY B 262 14.98 1.02 -7.89
C GLY B 262 14.76 0.25 -9.20
N PHE B 263 13.84 -0.71 -9.19
CA PHE B 263 13.47 -1.39 -10.42
C PHE B 263 12.42 -0.53 -11.14
N GLU B 264 12.55 -0.37 -12.45
CA GLU B 264 11.59 0.42 -13.21
C GLU B 264 10.18 -0.20 -13.15
N GLY B 265 10.13 -1.53 -13.24
CA GLY B 265 8.89 -2.26 -13.28
C GLY B 265 8.76 -3.29 -12.17
N LEU B 266 7.54 -3.48 -11.69
CA LEU B 266 7.20 -4.48 -10.70
C LEU B 266 6.28 -5.52 -11.34
N SER B 267 6.70 -6.78 -11.34
CA SER B 267 5.89 -7.84 -11.94
C SER B 267 5.18 -8.62 -10.84
N VAL B 268 3.86 -8.65 -10.93
CA VAL B 268 3.01 -9.23 -9.89
C VAL B 268 1.97 -10.17 -10.47
N GLU B 269 1.41 -10.99 -9.58
CA GLU B 269 0.39 -11.94 -9.96
C GLU B 269 -0.99 -11.34 -9.80
N GLU B 270 -2.01 -12.16 -10.06
CA GLU B 270 -3.40 -11.78 -9.91
C GLU B 270 -3.81 -11.62 -8.45
N LYS B 271 -2.95 -12.11 -7.56
CA LYS B 271 -3.22 -12.13 -6.14
C LYS B 271 -3.14 -10.76 -5.47
N ILE B 272 -2.72 -9.74 -6.21
CA ILE B 272 -2.83 -8.38 -5.69
C ILE B 272 -4.26 -7.84 -5.93
N GLY B 273 -5.07 -8.60 -6.65
CA GLY B 273 -6.36 -8.11 -7.12
C GLY B 273 -6.19 -7.39 -8.46
N SER B 274 -7.04 -6.41 -8.71
CA SER B 274 -7.01 -5.67 -9.94
C SER B 274 -5.72 -4.87 -10.07
N ALA B 275 -5.21 -4.72 -11.30
CA ALA B 275 -4.05 -3.88 -11.54
C ALA B 275 -4.26 -2.48 -10.95
N LYS B 276 -5.48 -1.95 -11.06
CA LYS B 276 -5.77 -0.62 -10.53
C LYS B 276 -5.45 -0.51 -9.04
N LYS B 277 -5.72 -1.58 -8.29
CA LYS B 277 -5.50 -1.55 -6.84
C LYS B 277 -4.01 -1.45 -6.52
N GLY B 278 -3.19 -2.07 -7.36
CA GLY B 278 -1.75 -1.94 -7.23
C GLY B 278 -1.25 -0.54 -7.58
N LYS B 279 -1.74 0.02 -8.68
CA LYS B 279 -1.32 1.36 -9.12
C LYS B 279 -1.58 2.43 -8.06
N GLU B 280 -2.67 2.27 -7.31
CA GLU B 280 -3.12 3.25 -6.34
C GLU B 280 -2.22 3.39 -5.10
N VAL B 281 -1.32 2.44 -4.88
CA VAL B 281 -0.40 2.51 -3.74
C VAL B 281 1.07 2.63 -4.15
N ILE B 282 1.36 2.59 -5.44
CA ILE B 282 2.75 2.80 -5.92
C ILE B 282 3.01 4.15 -6.62
N GLY B 283 1.94 4.86 -6.99
CA GLY B 283 2.06 6.20 -7.54
C GLY B 283 2.94 6.24 -8.76
N THR B 284 3.88 7.17 -8.82
CA THR B 284 4.78 7.20 -9.96
C THR B 284 6.17 6.65 -9.62
N ARG B 285 6.30 5.92 -8.52
CA ARG B 285 7.62 5.41 -8.13
C ARG B 285 8.10 4.22 -8.97
N ALA B 286 7.17 3.43 -9.49
CA ALA B 286 7.50 2.30 -10.35
C ALA B 286 6.30 1.93 -11.21
N ARG B 287 6.55 1.28 -12.35
CA ARG B 287 5.48 0.82 -13.24
C ARG B 287 5.07 -0.61 -12.91
N LEU B 288 3.87 -1.00 -13.36
CA LEU B 288 3.29 -2.29 -13.02
C LEU B 288 3.19 -3.24 -14.22
N VAL B 289 3.65 -4.47 -14.02
CA VAL B 289 3.71 -5.49 -15.06
C VAL B 289 2.89 -6.72 -14.63
N GLY B 290 2.07 -7.25 -15.53
CA GLY B 290 1.19 -8.37 -15.22
C GLY B 290 -0.19 -8.20 -15.82
N ASN B 291 -1.21 -8.83 -15.23
CA ASN B 291 -1.08 -9.76 -14.09
C ASN B 291 -2.08 -10.92 -14.24
N VAL B 292 -2.15 -11.46 -15.44
CA VAL B 292 -3.13 -12.49 -15.78
C VAL B 292 -2.61 -13.84 -15.25
N SER B 293 -3.44 -14.51 -14.46
CA SER B 293 -3.02 -15.72 -13.76
C SER B 293 -2.41 -16.76 -14.68
N SER B 294 -1.18 -17.17 -14.39
CA SER B 294 -0.54 -18.22 -15.17
C SER B 294 -1.21 -19.59 -14.99
N PRO B 295 -1.37 -20.07 -13.74
CA PRO B 295 -1.94 -21.41 -13.56
C PRO B 295 -3.47 -21.52 -13.68
N PHE B 296 -4.19 -20.44 -13.39
CA PHE B 296 -5.65 -20.52 -13.31
C PHE B 296 -6.40 -19.78 -14.43
N THR B 297 -5.68 -19.09 -15.31
CA THR B 297 -6.30 -18.48 -16.49
C THR B 297 -5.57 -18.81 -17.80
N LEU B 298 -4.29 -18.44 -17.92
CA LEU B 298 -3.52 -18.74 -19.13
C LEU B 298 -3.41 -20.22 -19.44
N LEU B 299 -3.22 -21.05 -18.41
CA LEU B 299 -3.09 -22.50 -18.62
C LEU B 299 -4.38 -23.16 -19.12
N PRO B 300 -5.47 -23.11 -18.33
CA PRO B 300 -6.70 -23.77 -18.74
C PRO B 300 -7.53 -22.99 -19.76
N GLY B 301 -7.28 -21.70 -19.86
CA GLY B 301 -8.16 -20.82 -20.60
C GLY B 301 -9.48 -20.73 -19.86
N PRO B 302 -10.58 -20.53 -20.59
CA PRO B 302 -10.64 -20.39 -22.04
C PRO B 302 -10.10 -19.04 -22.55
N VAL B 303 -9.89 -18.97 -23.85
CA VAL B 303 -9.45 -17.75 -24.56
C VAL B 303 -10.22 -16.53 -24.10
N ASP B 304 -11.55 -16.63 -24.02
CA ASP B 304 -12.36 -15.46 -23.66
C ASP B 304 -12.12 -14.98 -22.25
N LYS B 305 -11.81 -15.89 -21.34
CA LYS B 305 -11.45 -15.52 -19.95
C LYS B 305 -10.09 -14.82 -19.91
N ILE B 306 -9.12 -15.36 -20.62
CA ILE B 306 -7.82 -14.72 -20.77
C ILE B 306 -8.00 -13.27 -21.25
N LYS B 307 -8.76 -13.09 -22.32
CA LYS B 307 -8.97 -11.76 -22.87
C LYS B 307 -9.65 -10.80 -21.90
N ALA B 308 -10.70 -11.27 -21.22
CA ALA B 308 -11.42 -10.44 -20.25
C ALA B 308 -10.52 -10.00 -19.10
N GLU B 309 -9.73 -10.91 -18.58
CA GLU B 309 -8.86 -10.58 -17.45
C GLU B 309 -7.71 -9.66 -17.92
N ALA B 310 -7.22 -9.91 -19.12
CA ALA B 310 -6.24 -9.05 -19.74
C ALA B 310 -6.77 -7.60 -19.90
N LYS B 311 -8.01 -7.46 -20.38
CA LYS B 311 -8.63 -6.15 -20.58
C LYS B 311 -8.90 -5.41 -19.26
N GLU B 312 -9.21 -6.15 -18.21
CA GLU B 312 -9.32 -5.56 -16.90
C GLU B 312 -7.97 -4.98 -16.45
N ALA B 313 -6.89 -5.69 -16.74
CA ALA B 313 -5.54 -5.19 -16.41
C ALA B 313 -5.26 -3.89 -17.16
N LEU B 314 -5.54 -3.89 -18.45
CA LEU B 314 -5.33 -2.71 -19.28
C LEU B 314 -6.15 -1.52 -18.80
N GLU B 315 -7.43 -1.74 -18.53
CA GLU B 315 -8.33 -0.68 -18.07
C GLU B 315 -7.88 -0.14 -16.72
N GLY B 316 -7.22 -0.98 -15.94
CA GLY B 316 -6.70 -0.56 -14.65
C GLY B 316 -5.37 0.17 -14.72
N GLY B 317 -4.82 0.28 -15.92
CA GLY B 317 -3.58 1.02 -16.11
C GLY B 317 -2.28 0.21 -16.03
N ILE B 318 -2.36 -1.10 -16.24
CA ILE B 318 -1.16 -1.94 -16.28
C ILE B 318 -0.23 -1.33 -17.32
N ASP B 319 1.06 -1.31 -17.00
CA ASP B 319 2.05 -0.64 -17.86
C ASP B 319 2.63 -1.56 -18.92
N VAL B 320 2.78 -2.83 -18.56
CA VAL B 320 3.14 -3.89 -19.49
C VAL B 320 2.21 -5.07 -19.23
N LEU B 321 1.43 -5.47 -20.23
CA LEU B 321 0.55 -6.63 -20.08
C LEU B 321 1.37 -7.92 -20.15
N ALA B 322 1.17 -8.80 -19.18
CA ALA B 322 2.03 -9.97 -18.99
C ALA B 322 1.38 -11.03 -18.10
N PRO B 323 1.81 -12.29 -18.26
CA PRO B 323 1.46 -13.34 -17.33
C PRO B 323 1.89 -12.97 -15.91
N GLY B 324 1.11 -13.41 -14.92
CA GLY B 324 1.38 -13.13 -13.52
C GLY B 324 2.63 -13.80 -12.96
N CYS B 325 2.98 -14.96 -13.49
CA CYS B 325 4.15 -15.72 -13.07
C CYS B 325 4.69 -16.41 -14.32
N GLY B 326 5.55 -17.41 -14.14
CA GLY B 326 6.03 -18.22 -15.26
C GLY B 326 4.84 -18.79 -16.03
N ILE B 327 4.97 -18.88 -17.34
CA ILE B 327 3.94 -19.52 -18.15
C ILE B 327 4.04 -21.01 -17.90
N ALA B 328 2.90 -21.63 -17.58
CA ALA B 328 2.89 -23.06 -17.32
C ALA B 328 3.22 -23.76 -18.64
N PRO B 329 4.14 -24.70 -18.59
CA PRO B 329 4.67 -25.37 -19.77
C PRO B 329 3.60 -26.03 -20.65
N MSE B 330 2.51 -26.50 -20.04
CA MSE B 330 1.41 -27.10 -20.78
C MSE B 330 0.43 -26.06 -21.33
O MSE B 330 -0.57 -26.42 -21.96
CB MSE B 330 0.66 -28.13 -19.91
CG MSE B 330 1.52 -29.29 -19.42
SE MSE B 330 2.36 -30.28 -20.88
CE MSE B 330 0.78 -30.80 -21.89
N THR B 331 0.73 -24.79 -21.14
CA THR B 331 -0.10 -23.74 -21.74
C THR B 331 -0.17 -23.86 -23.27
N PRO B 332 -1.38 -23.95 -23.82
CA PRO B 332 -1.53 -23.99 -25.27
C PRO B 332 -1.08 -22.69 -25.94
N LEU B 333 -0.45 -22.83 -27.11
CA LEU B 333 -0.01 -21.67 -27.87
C LEU B 333 -1.15 -20.67 -28.04
N GLU B 334 -2.34 -21.16 -28.36
CA GLU B 334 -3.47 -20.28 -28.60
C GLU B 334 -3.81 -19.44 -27.38
N ASN B 335 -3.53 -19.95 -26.18
CA ASN B 335 -3.79 -19.19 -24.96
C ASN B 335 -2.80 -18.03 -24.78
N VAL B 336 -1.57 -18.22 -25.23
CA VAL B 336 -0.60 -17.13 -25.26
C VAL B 336 -1.02 -16.07 -26.29
N LYS B 337 -1.45 -16.52 -27.45
CA LYS B 337 -1.97 -15.62 -28.49
C LYS B 337 -3.15 -14.80 -28.03
N ALA B 338 -3.98 -15.38 -27.17
CA ALA B 338 -5.14 -14.68 -26.59
C ALA B 338 -4.73 -13.43 -25.82
N LEU B 339 -3.61 -13.52 -25.13
CA LEU B 339 -3.13 -12.40 -24.33
C LEU B 339 -2.81 -11.24 -25.26
N VAL B 340 -2.12 -11.54 -26.34
CA VAL B 340 -1.80 -10.57 -27.37
C VAL B 340 -3.06 -10.01 -28.03
N ALA B 341 -3.99 -10.90 -28.38
CA ALA B 341 -5.24 -10.46 -29.02
C ALA B 341 -6.03 -9.48 -28.15
N ALA B 342 -6.03 -9.71 -26.84
CA ALA B 342 -6.71 -8.81 -25.92
C ALA B 342 -6.18 -7.38 -26.03
N ARG B 343 -4.87 -7.25 -26.08
CA ARG B 343 -4.25 -5.94 -26.19
C ARG B 343 -4.67 -5.29 -27.50
N ASP B 344 -4.53 -6.02 -28.61
CA ASP B 344 -4.95 -5.51 -29.92
C ASP B 344 -6.43 -5.10 -29.95
N GLU B 345 -7.31 -5.93 -29.40
CA GLU B 345 -8.74 -5.61 -29.41
C GLU B 345 -9.02 -4.37 -28.56
N PHE B 346 -8.23 -4.16 -27.53
CA PHE B 346 -8.43 -3.07 -26.61
C PHE B 346 -8.23 -1.73 -27.31
N TYR B 347 -7.33 -1.69 -28.29
CA TYR B 347 -6.99 -0.45 -28.98
C TYR B 347 -7.67 -0.34 -30.35
N ALA B 348 -8.19 -1.47 -30.85
CA ALA B 348 -8.82 -1.53 -32.16
C ALA B 348 -9.85 -0.42 -32.34
C1 COM C . -15.35 10.56 18.13
C2 COM C . -14.14 10.12 18.93
S1 COM C . -16.21 12.00 18.86
S2 COM C . -13.38 8.74 18.34
O1S COM C . -14.21 7.56 18.59
O2S COM C . -12.13 8.59 19.12
O3S COM C . -13.07 8.81 16.91
ZN ZN D . -17.99 11.73 17.34
C1 MRD E . -17.51 38.92 31.69
C2 MRD E . -17.58 37.80 32.73
O2 MRD E . -18.61 36.85 32.33
CM MRD E . -17.98 38.37 34.10
C3 MRD E . -16.24 37.09 32.80
C4 MRD E . -15.51 37.22 34.14
O4 MRD E . -14.49 36.23 34.19
C5 MRD E . -16.43 37.02 35.33
C1 COM F . 8.57 -17.68 -11.36
C2 COM F . 9.89 -18.07 -12.01
S1 COM F . 8.77 -17.12 -9.64
S2 COM F . 9.79 -18.56 -13.61
O1S COM F . 9.57 -17.43 -14.51
O2S COM F . 8.71 -19.53 -13.86
O3S COM F . 11.08 -19.22 -13.90
ZN ZN G . 6.64 -16.08 -9.74
C1 GOL H . 23.98 -12.86 14.46
O1 GOL H . 24.39 -14.11 13.94
C2 GOL H . 22.96 -13.07 15.55
O2 GOL H . 23.67 -13.26 16.75
C3 GOL H . 22.00 -11.89 15.65
O3 GOL H . 20.66 -12.36 15.71
C1 GOL I . -11.01 1.59 -23.79
O1 GOL I . -11.35 0.29 -24.17
C2 GOL I . -10.15 2.25 -24.87
O2 GOL I . -10.91 3.19 -25.60
C3 GOL I . -8.94 2.95 -24.26
O3 GOL I . -7.89 2.99 -25.20
#